data_4QA2
#
_entry.id   4QA2
#
_cell.length_a   53.017
_cell.length_b   84.057
_cell.length_c   94.381
_cell.angle_alpha   90.00
_cell.angle_beta   98.60
_cell.angle_gamma   90.00
#
_symmetry.space_group_name_H-M   'P 1 21 1'
#
loop_
_entity.id
_entity.type
_entity.pdbx_description
1 polymer 'Histone deacetylase 8'
2 non-polymer 'POTASSIUM ION'
3 non-polymer 'ZINC ION'
4 non-polymer 'OCTANEDIOIC ACID HYDROXYAMIDE PHENYLAMIDE'
5 non-polymer GLYCEROL
6 water water
#
_entity_poly.entity_id   1
_entity_poly.type   'polypeptide(L)'
_entity_poly.pdbx_seq_one_letter_code
;MEEPEEPADSGQSLVPVYIYSPEYVSMCDSLAKIPKRASMVHSLIEAYALHKQMRIVKPKVASMEEMATFHTDAYLQHLQ
KVSQEGDDDHPDSIEYGLGYDCPATEGIFDYAAAIGGATITAAQCLIDGMCKVAINWSGGWHHAKKDEASGFCYLNDAVL
GILRLRRKFERILYVDLDLHHGDGVEDAFSFTSKVMTVSLHKFSPGFFPGTGDVSDVGLGKGRYYSVNVPIQDGIQDEKY
YQNCESVLKEVYQAFNPKAVVLQLGADTIAGDPMCSFNMTPVGIGKCLKYILQWQLATLILGGGGYNLANTARCWTYLTG
VILGKTLSSEIPDHEFFTAYGPDYVLEITPSCRPDRNEPHRIQQILNYIKGNLKHVVIEGRGSHHHHHH
;
_entity_poly.pdbx_strand_id   A,B
#
loop_
_chem_comp.id
_chem_comp.type
_chem_comp.name
_chem_comp.formula
GOL non-polymer GLYCEROL 'C3 H8 O3'
K non-polymer 'POTASSIUM ION' 'K 1'
SHH non-polymer 'OCTANEDIOIC ACID HYDROXYAMIDE PHENYLAMIDE' 'C14 H20 N2 O3'
ZN non-polymer 'ZINC ION' 'Zn 2'
#
# COMPACT_ATOMS: atom_id res chain seq x y z
N LEU A 14 21.70 15.63 29.48
CA LEU A 14 20.80 14.54 29.81
C LEU A 14 19.40 14.77 29.25
N VAL A 15 19.25 15.87 28.52
CA VAL A 15 17.99 16.19 27.86
C VAL A 15 18.00 15.67 26.43
N PRO A 16 16.96 14.92 26.04
CA PRO A 16 16.85 14.33 24.70
C PRO A 16 16.96 15.38 23.60
N VAL A 17 17.64 15.04 22.51
CA VAL A 17 17.76 15.94 21.37
C VAL A 17 16.67 15.67 20.34
N TYR A 18 16.02 16.73 19.88
CA TYR A 18 14.94 16.64 18.91
C TYR A 18 15.36 17.30 17.61
N ILE A 19 15.70 16.48 16.61
CA ILE A 19 16.12 17.01 15.32
C ILE A 19 14.94 17.65 14.59
N TYR A 20 14.98 18.97 14.46
CA TYR A 20 13.88 19.70 13.83
C TYR A 20 14.27 21.06 13.27
N SER A 21 13.61 21.42 12.16
CA SER A 21 13.63 22.77 11.64
C SER A 21 12.44 22.88 10.68
N PRO A 22 11.87 24.08 10.54
CA PRO A 22 10.72 24.26 9.64
C PRO A 22 11.05 23.87 8.21
N GLU A 23 12.27 24.12 7.77
CA GLU A 23 12.72 23.76 6.42
C GLU A 23 12.80 22.24 6.26
N TYR A 24 13.28 21.57 7.30
CA TYR A 24 13.44 20.12 7.28
C TYR A 24 12.11 19.38 7.19
N VAL A 25 11.16 19.78 8.03
CA VAL A 25 9.82 19.19 8.02
C VAL A 25 9.12 19.42 6.68
N SER A 26 9.25 20.64 6.16
CA SER A 26 8.66 20.99 4.87
C SER A 26 9.25 20.14 3.76
N MET A 27 10.55 19.88 3.83
CA MET A 27 11.22 19.03 2.86
C MET A 27 10.70 17.59 2.92
N CYS A 28 10.52 17.09 4.14
CA CYS A 28 10.07 15.72 4.35
C CYS A 28 8.60 15.52 3.95
N ASP A 29 7.81 16.58 4.03
CA ASP A 29 6.42 16.53 3.63
C ASP A 29 6.26 16.24 2.13
N SER A 30 7.31 16.55 1.37
CA SER A 30 7.25 16.49 -0.09
C SER A 30 7.25 15.07 -0.67
N LEU A 31 7.53 14.07 0.18
CA LEU A 31 7.52 12.69 -0.29
C LEU A 31 6.09 12.23 -0.57
N ALA A 32 5.83 11.91 -1.83
CA ALA A 32 4.49 11.56 -2.30
C ALA A 32 3.87 10.37 -1.57
N LYS A 33 4.72 9.47 -1.08
CA LYS A 33 4.25 8.28 -0.40
C LYS A 33 3.65 8.61 0.97
N ILE A 34 4.14 9.69 1.58
CA ILE A 34 3.65 10.13 2.89
C ILE A 34 3.49 11.64 2.99
N PRO A 35 2.55 12.22 2.22
CA PRO A 35 2.38 13.67 2.17
C PRO A 35 1.99 14.27 3.53
N LYS A 36 2.73 15.30 3.94
CA LYS A 36 2.44 16.07 5.15
C LYS A 36 2.56 15.26 6.44
N ARG A 37 3.14 14.08 6.38
CA ARG A 37 3.26 13.24 7.58
C ARG A 37 4.22 13.83 8.60
N ALA A 38 5.32 14.42 8.11
CA ALA A 38 6.31 15.03 9.00
C ALA A 38 5.72 16.20 9.76
N SER A 39 4.87 16.99 9.09
CA SER A 39 4.18 18.10 9.74
C SER A 39 3.21 17.60 10.80
N MET A 40 2.43 16.58 10.46
CA MET A 40 1.45 16.01 11.39
C MET A 40 2.11 15.46 12.64
N VAL A 41 3.27 14.84 12.48
CA VAL A 41 4.01 14.29 13.61
C VAL A 41 4.56 15.40 14.51
N HIS A 42 5.20 16.38 13.90
CA HIS A 42 5.75 17.51 14.67
C HIS A 42 4.66 18.35 15.32
N SER A 43 3.61 18.63 14.57
CA SER A 43 2.51 19.45 15.07
C SER A 43 1.85 18.84 16.31
N LEU A 44 1.71 17.52 16.31
CA LEU A 44 1.10 16.84 17.45
C LEU A 44 2.04 16.87 18.65
N ILE A 45 3.33 16.65 18.40
CA ILE A 45 4.34 16.75 19.44
C ILE A 45 4.35 18.17 20.01
N GLU A 46 4.23 19.15 19.12
CA GLU A 46 4.18 20.55 19.51
C GLU A 46 2.90 20.82 20.31
N ALA A 47 1.80 20.23 19.89
CA ALA A 47 0.51 20.41 20.55
C ALA A 47 0.53 19.88 21.98
N TYR A 48 1.44 18.94 22.24
CA TYR A 48 1.62 18.41 23.59
C TYR A 48 2.77 19.12 24.30
N ALA A 49 3.33 20.12 23.64
CA ALA A 49 4.43 20.93 24.19
C ALA A 49 5.63 20.10 24.63
N LEU A 50 5.86 18.97 23.97
CA LEU A 50 6.97 18.09 24.30
C LEU A 50 8.29 18.66 23.81
N HIS A 51 8.23 19.47 22.76
CA HIS A 51 9.42 20.08 22.18
C HIS A 51 10.10 21.05 23.15
N LYS A 52 9.32 21.60 24.08
CA LYS A 52 9.86 22.51 25.08
C LYS A 52 10.59 21.75 26.18
N GLN A 53 10.47 20.43 26.17
CA GLN A 53 11.15 19.58 27.13
C GLN A 53 12.33 18.86 26.47
N MET A 54 12.63 19.25 25.24
CA MET A 54 13.73 18.66 24.49
C MET A 54 14.68 19.73 23.95
N ARG A 55 15.88 19.30 23.57
CA ARG A 55 16.85 20.20 22.97
C ARG A 55 16.72 20.16 21.45
N ILE A 56 16.17 21.23 20.89
CA ILE A 56 15.92 21.29 19.45
C ILE A 56 17.19 21.62 18.67
N VAL A 57 17.58 20.73 17.77
CA VAL A 57 18.77 20.94 16.96
C VAL A 57 18.41 20.98 15.47
N LYS A 58 18.82 22.06 14.80
CA LYS A 58 18.61 22.19 13.36
C LYS A 58 19.50 21.21 12.61
N PRO A 59 18.90 20.37 11.75
CA PRO A 59 19.66 19.37 11.00
C PRO A 59 20.48 19.98 9.87
N LYS A 60 21.73 19.53 9.75
CA LYS A 60 22.58 19.93 8.63
C LYS A 60 22.18 19.14 7.40
N VAL A 61 22.45 19.69 6.22
CA VAL A 61 22.24 18.94 4.98
C VAL A 61 23.49 18.13 4.67
N ALA A 62 23.31 16.84 4.40
CA ALA A 62 24.44 15.95 4.14
C ALA A 62 25.18 16.35 2.86
N SER A 63 26.51 16.37 2.94
CA SER A 63 27.34 16.67 1.78
C SER A 63 27.51 15.44 0.91
N MET A 64 28.09 15.64 -0.27
CA MET A 64 28.33 14.54 -1.20
C MET A 64 29.26 13.52 -0.56
N GLU A 65 30.23 14.00 0.21
CA GLU A 65 31.20 13.15 0.87
C GLU A 65 30.58 12.34 2.01
N GLU A 66 29.66 12.97 2.74
CA GLU A 66 29.00 12.31 3.87
C GLU A 66 28.07 11.20 3.40
N MET A 67 27.32 11.46 2.33
CA MET A 67 26.46 10.44 1.73
C MET A 67 27.29 9.33 1.09
N ALA A 68 28.50 9.66 0.70
CA ALA A 68 29.39 8.71 0.01
C ALA A 68 30.02 7.71 0.96
N THR A 69 29.84 7.90 2.26
CA THR A 69 30.37 6.96 3.25
C THR A 69 29.72 5.59 3.12
N PHE A 70 28.54 5.56 2.47
CA PHE A 70 27.86 4.30 2.20
C PHE A 70 27.50 4.14 0.72
N HIS A 71 26.92 5.19 0.14
CA HIS A 71 26.45 5.12 -1.24
C HIS A 71 27.56 5.39 -2.26
N THR A 72 27.52 4.66 -3.38
CA THR A 72 28.52 4.81 -4.42
C THR A 72 28.37 6.15 -5.15
N ASP A 73 29.49 6.66 -5.66
CA ASP A 73 29.49 7.93 -6.36
C ASP A 73 28.65 7.88 -7.64
N ALA A 74 28.68 6.74 -8.30
CA ALA A 74 27.89 6.55 -9.52
C ALA A 74 26.41 6.72 -9.23
N TYR A 75 25.94 6.09 -8.15
CA TYR A 75 24.55 6.19 -7.75
C TYR A 75 24.18 7.60 -7.30
N LEU A 76 25.02 8.19 -6.45
CA LEU A 76 24.77 9.54 -5.93
C LEU A 76 24.73 10.57 -7.04
N GLN A 77 25.57 10.42 -8.05
CA GLN A 77 25.60 11.34 -9.18
C GLN A 77 24.38 11.17 -10.09
N HIS A 78 23.95 9.92 -10.29
CA HIS A 78 22.77 9.66 -11.10
C HIS A 78 21.52 10.16 -10.39
N LEU A 79 21.48 9.95 -9.07
CA LEU A 79 20.36 10.42 -8.26
C LEU A 79 20.24 11.93 -8.36
N GLN A 80 21.37 12.62 -8.28
CA GLN A 80 21.38 14.08 -8.38
C GLN A 80 21.00 14.54 -9.79
N LYS A 81 21.55 13.88 -10.80
CA LYS A 81 21.28 14.22 -12.19
C LYS A 81 19.78 14.12 -12.47
N VAL A 82 19.20 12.98 -12.08
CA VAL A 82 17.76 12.75 -12.19
C VAL A 82 16.98 13.82 -11.43
N SER A 83 17.48 14.18 -10.26
CA SER A 83 16.82 15.17 -9.41
C SER A 83 16.89 16.57 -10.01
N GLN A 84 18.04 16.91 -10.59
CA GLN A 84 18.22 18.21 -11.21
CA GLN A 84 18.24 18.21 -11.21
C GLN A 84 17.31 18.39 -12.41
N GLU A 85 17.32 17.41 -13.30
CA GLU A 85 16.52 17.49 -14.53
C GLU A 85 15.33 16.54 -14.51
N GLY A 86 15.58 15.26 -14.79
CA GLY A 86 14.53 14.26 -14.81
C GLY A 86 14.97 12.97 -15.48
N TYR A 96 19.20 2.05 -11.38
CA TYR A 96 19.64 2.28 -10.01
C TYR A 96 18.49 2.15 -9.01
N GLY A 97 17.47 1.39 -9.39
CA GLY A 97 16.35 1.13 -8.50
C GLY A 97 15.25 2.18 -8.56
N LEU A 98 15.45 3.19 -9.41
CA LEU A 98 14.42 4.21 -9.60
C LEU A 98 13.30 3.69 -10.48
N GLY A 99 12.20 3.27 -9.85
CA GLY A 99 11.07 2.74 -10.59
C GLY A 99 9.74 3.06 -9.93
N TYR A 100 8.91 2.04 -9.76
CA TYR A 100 7.60 2.21 -9.15
C TYR A 100 7.72 2.71 -7.71
N ASP A 101 8.40 1.94 -6.87
CA ASP A 101 8.52 2.27 -5.45
C ASP A 101 9.33 3.55 -5.22
N CYS A 102 10.29 3.82 -6.10
CA CYS A 102 11.14 4.99 -5.96
C CYS A 102 11.19 5.82 -7.24
N PRO A 103 10.12 6.60 -7.50
CA PRO A 103 10.04 7.43 -8.70
C PRO A 103 11.22 8.39 -8.85
N ALA A 104 11.67 8.57 -10.09
CA ALA A 104 12.79 9.45 -10.39
C ALA A 104 12.33 10.91 -10.50
N THR A 105 11.76 11.43 -9.42
CA THR A 105 11.17 12.77 -9.43
C THR A 105 12.20 13.86 -9.10
N GLU A 106 11.89 15.09 -9.54
CA GLU A 106 12.79 16.22 -9.34
C GLU A 106 12.81 16.66 -7.87
N GLY A 107 14.00 17.00 -7.39
CA GLY A 107 14.17 17.43 -6.02
C GLY A 107 14.37 16.29 -5.06
N ILE A 108 14.50 15.09 -5.60
CA ILE A 108 14.62 13.89 -4.77
C ILE A 108 15.99 13.78 -4.10
N PHE A 109 17.01 14.41 -4.69
CA PHE A 109 18.35 14.40 -4.13
C PHE A 109 18.42 15.35 -2.93
N ASP A 110 17.72 16.47 -3.01
CA ASP A 110 17.64 17.42 -1.91
C ASP A 110 16.94 16.76 -0.74
N TYR A 111 15.87 16.02 -1.05
CA TYR A 111 15.14 15.25 -0.06
C TYR A 111 16.05 14.24 0.63
N ALA A 112 16.82 13.52 -0.17
CA ALA A 112 17.72 12.48 0.34
C ALA A 112 18.83 13.06 1.20
N ALA A 113 19.41 14.17 0.74
CA ALA A 113 20.48 14.83 1.48
C ALA A 113 20.01 15.35 2.83
N ALA A 114 18.77 15.84 2.88
CA ALA A 114 18.21 16.42 4.10
C ALA A 114 18.03 15.39 5.21
N ILE A 115 17.44 14.25 4.87
CA ILE A 115 17.20 13.20 5.85
C ILE A 115 18.50 12.53 6.29
N GLY A 116 19.39 12.31 5.33
CA GLY A 116 20.70 11.76 5.63
C GLY A 116 21.48 12.64 6.59
N GLY A 117 21.49 13.95 6.30
CA GLY A 117 22.17 14.90 7.16
C GLY A 117 21.51 15.03 8.52
N ALA A 118 20.20 14.80 8.57
CA ALA A 118 19.47 14.89 9.83
C ALA A 118 19.83 13.74 10.77
N THR A 119 19.95 12.54 10.22
CA THR A 119 20.32 11.37 11.01
C THR A 119 21.78 11.47 11.45
N ILE A 120 22.62 11.97 10.56
CA ILE A 120 24.03 12.18 10.89
C ILE A 120 24.19 13.23 12.00
N THR A 121 23.40 14.30 11.91
CA THR A 121 23.42 15.35 12.92
C THR A 121 23.05 14.78 14.28
N ALA A 122 22.04 13.91 14.30
CA ALA A 122 21.62 13.25 15.52
C ALA A 122 22.72 12.36 16.07
N ALA A 123 23.43 11.67 15.18
CA ALA A 123 24.52 10.80 15.56
C ALA A 123 25.68 11.61 16.14
N GLN A 124 25.98 12.74 15.51
CA GLN A 124 27.05 13.62 15.98
C GLN A 124 26.72 14.19 17.36
N CYS A 125 25.44 14.42 17.61
CA CYS A 125 24.99 14.87 18.92
C CYS A 125 25.26 13.82 19.99
N LEU A 126 25.06 12.55 19.64
CA LEU A 126 25.36 11.45 20.56
C LEU A 126 26.85 11.39 20.85
N ILE A 127 27.66 11.59 19.82
CA ILE A 127 29.12 11.53 19.95
C ILE A 127 29.65 12.64 20.85
N ASP A 128 29.12 13.84 20.69
CA ASP A 128 29.56 14.99 21.47
C ASP A 128 29.16 14.90 22.94
N GLY A 129 28.26 13.98 23.26
CA GLY A 129 27.79 13.83 24.62
C GLY A 129 26.73 14.85 24.98
N MET A 130 26.19 15.50 23.95
CA MET A 130 25.16 16.52 24.13
C MET A 130 23.89 15.90 24.69
N CYS A 131 23.71 14.61 24.47
CA CYS A 131 22.50 13.91 24.90
C CYS A 131 22.74 12.41 24.98
N LYS A 132 21.79 11.70 25.59
CA LYS A 132 21.83 10.24 25.63
C LYS A 132 20.88 9.69 24.57
N VAL A 133 19.90 10.50 24.17
CA VAL A 133 18.92 10.11 23.17
C VAL A 133 18.71 11.22 22.14
N ALA A 134 18.90 10.89 20.87
CA ALA A 134 18.63 11.84 19.79
C ALA A 134 17.55 11.30 18.87
N ILE A 135 16.63 12.17 18.46
CA ILE A 135 15.44 11.74 17.73
C ILE A 135 15.32 12.34 16.33
N ASN A 136 15.12 11.49 15.34
CA ASN A 136 14.82 11.92 13.98
C ASN A 136 13.66 11.12 13.39
N TRP A 137 12.43 11.57 13.64
CA TRP A 137 11.24 10.82 13.25
C TRP A 137 11.06 10.68 11.74
N SER A 138 11.70 11.56 10.97
CA SER A 138 11.59 11.52 9.52
C SER A 138 12.62 10.61 8.87
N GLY A 139 13.45 9.97 9.69
CA GLY A 139 14.47 9.05 9.18
C GLY A 139 14.05 7.61 9.34
N GLY A 140 15.01 6.70 9.19
CA GLY A 140 14.75 5.28 9.34
C GLY A 140 14.44 4.57 8.03
N TRP A 141 14.94 5.13 6.93
CA TRP A 141 14.66 4.58 5.60
C TRP A 141 15.68 3.49 5.26
N HIS A 142 15.30 2.26 5.60
CA HIS A 142 16.24 1.17 5.79
C HIS A 142 16.39 0.20 4.62
N HIS A 143 15.77 0.50 3.48
CA HIS A 143 15.81 -0.44 2.35
C HIS A 143 16.91 -0.12 1.34
N ALA A 144 17.35 1.13 1.31
CA ALA A 144 18.33 1.56 0.31
C ALA A 144 19.66 0.82 0.43
N LYS A 145 20.20 0.43 -0.72
CA LYS A 145 21.51 -0.20 -0.78
C LYS A 145 22.55 0.83 -1.17
N LYS A 146 23.81 0.43 -1.24
CA LYS A 146 24.89 1.37 -1.57
C LYS A 146 24.70 1.97 -2.97
N ASP A 147 24.13 1.21 -3.88
CA ASP A 147 23.98 1.67 -5.25
C ASP A 147 22.57 1.47 -5.80
N GLU A 148 21.59 1.32 -4.92
CA GLU A 148 20.23 1.07 -5.37
C GLU A 148 19.16 1.60 -4.41
N ALA A 149 18.24 2.40 -4.96
CA ALA A 149 17.05 2.82 -4.23
C ALA A 149 16.10 1.64 -4.13
N SER A 150 15.36 1.56 -3.04
CA SER A 150 14.44 0.44 -2.83
C SER A 150 13.38 0.76 -1.79
N GLY A 151 12.15 0.32 -2.07
CA GLY A 151 11.04 0.43 -1.12
C GLY A 151 10.84 1.80 -0.50
N PHE A 152 10.63 2.81 -1.34
CA PHE A 152 10.41 4.19 -0.92
C PHE A 152 11.68 4.85 -0.36
N CYS A 153 12.79 4.12 -0.35
CA CYS A 153 14.04 4.63 0.18
C CYS A 153 15.03 4.98 -0.93
N TYR A 154 15.45 6.24 -0.98
CA TYR A 154 16.42 6.69 -1.96
C TYR A 154 17.80 6.70 -1.33
N LEU A 155 17.82 6.88 -0.02
CA LEU A 155 19.06 6.98 0.74
C LEU A 155 18.87 6.28 2.08
N ASN A 156 19.87 5.50 2.49
CA ASN A 156 19.78 4.79 3.75
C ASN A 156 20.37 5.60 4.89
N ASP A 157 19.55 6.44 5.51
CA ASP A 157 20.00 7.33 6.58
C ASP A 157 20.37 6.55 7.84
N ALA A 158 19.74 5.40 8.04
CA ALA A 158 20.06 4.55 9.19
C ALA A 158 21.51 4.08 9.13
N VAL A 159 21.92 3.59 7.97
CA VAL A 159 23.31 3.15 7.76
C VAL A 159 24.26 4.32 7.97
N LEU A 160 23.92 5.47 7.40
CA LEU A 160 24.73 6.67 7.57
C LEU A 160 24.87 7.05 9.04
N GLY A 161 23.79 6.85 9.79
CA GLY A 161 23.80 7.12 11.22
C GLY A 161 24.73 6.19 11.97
N ILE A 162 24.75 4.92 11.57
CA ILE A 162 25.61 3.93 12.20
C ILE A 162 27.09 4.16 11.85
N LEU A 163 27.35 4.52 10.60
CA LEU A 163 28.70 4.80 10.14
C LEU A 163 29.32 5.98 10.88
N ARG A 164 28.50 6.98 11.19
CA ARG A 164 28.95 8.15 11.92
C ARG A 164 29.23 7.78 13.38
N LEU A 165 28.34 6.99 13.98
CA LEU A 165 28.50 6.54 15.36
C LEU A 165 29.75 5.68 15.54
N ARG A 166 30.11 4.93 14.50
CA ARG A 166 31.26 4.03 14.56
C ARG A 166 32.59 4.76 14.69
N ARG A 167 32.57 6.08 14.52
CA ARG A 167 33.77 6.88 14.69
C ARG A 167 34.16 7.00 16.15
N LYS A 168 33.21 6.74 17.05
CA LYS A 168 33.43 6.87 18.48
C LYS A 168 33.17 5.57 19.23
N PHE A 169 32.10 4.88 18.86
CA PHE A 169 31.70 3.66 19.55
C PHE A 169 32.21 2.41 18.83
N GLU A 170 32.69 1.44 19.60
CA GLU A 170 33.31 0.25 19.03
C GLU A 170 32.28 -0.81 18.62
N ARG A 171 31.11 -0.79 19.25
CA ARG A 171 30.04 -1.72 18.91
C ARG A 171 28.68 -1.06 18.87
N ILE A 172 28.00 -1.19 17.73
CA ILE A 172 26.69 -0.60 17.55
C ILE A 172 25.62 -1.68 17.40
N LEU A 173 24.52 -1.52 18.12
CA LEU A 173 23.37 -2.39 17.96
C LEU A 173 22.27 -1.67 17.19
N TYR A 174 21.85 -2.26 16.08
CA TYR A 174 20.74 -1.71 15.30
C TYR A 174 19.48 -2.55 15.50
N VAL A 175 18.43 -1.92 16.00
CA VAL A 175 17.16 -2.60 16.22
C VAL A 175 16.08 -2.02 15.33
N ASP A 176 15.41 -2.89 14.57
CA ASP A 176 14.44 -2.48 13.57
C ASP A 176 13.08 -3.08 13.87
N LEU A 177 12.15 -2.25 14.37
CA LEU A 177 10.83 -2.73 14.74
C LEU A 177 9.77 -2.37 13.69
N ASP A 178 10.22 -1.92 12.53
CA ASP A 178 9.34 -1.65 11.40
C ASP A 178 8.63 -2.93 10.99
N LEU A 179 7.49 -2.79 10.30
CA LEU A 179 6.77 -3.96 9.79
C LEU A 179 7.61 -4.74 8.79
N HIS A 180 8.48 -4.03 8.07
CA HIS A 180 9.28 -4.62 7.02
C HIS A 180 10.72 -4.92 7.46
N HIS A 181 11.31 -5.94 6.84
CA HIS A 181 12.68 -6.33 7.14
C HIS A 181 13.66 -5.22 6.77
N GLY A 182 14.54 -4.86 7.71
CA GLY A 182 15.56 -3.86 7.45
C GLY A 182 16.72 -4.46 6.66
N ASP A 183 16.46 -4.82 5.42
CA ASP A 183 17.43 -5.53 4.58
C ASP A 183 18.61 -4.66 4.18
N GLY A 184 18.36 -3.39 3.91
CA GLY A 184 19.42 -2.48 3.49
C GLY A 184 20.46 -2.24 4.55
N VAL A 185 20.02 -2.11 5.80
CA VAL A 185 20.92 -1.93 6.91
C VAL A 185 21.69 -3.21 7.21
N GLU A 186 20.97 -4.34 7.16
CA GLU A 186 21.57 -5.64 7.41
C GLU A 186 22.67 -5.98 6.41
N ASP A 187 22.36 -5.83 5.13
CA ASP A 187 23.32 -6.16 4.07
C ASP A 187 24.53 -5.23 4.10
N ALA A 188 24.32 -4.00 4.52
CA ALA A 188 25.40 -3.01 4.60
C ALA A 188 26.47 -3.45 5.61
N PHE A 189 26.03 -4.10 6.67
CA PHE A 189 26.94 -4.51 7.74
C PHE A 189 27.03 -6.02 7.88
N SER A 190 26.53 -6.74 6.88
CA SER A 190 26.47 -8.21 6.97
C SER A 190 27.84 -8.88 7.04
N PHE A 191 28.90 -8.13 6.68
CA PHE A 191 30.24 -8.70 6.67
C PHE A 191 31.11 -8.25 7.84
N THR A 192 30.54 -7.45 8.74
CA THR A 192 31.28 -6.98 9.91
C THR A 192 30.68 -7.48 11.21
N SER A 193 31.49 -7.47 12.27
CA SER A 193 31.05 -7.95 13.57
C SER A 193 30.97 -6.83 14.59
N LYS A 194 31.29 -5.61 14.16
CA LYS A 194 31.25 -4.45 15.04
C LYS A 194 29.86 -3.85 15.11
N VAL A 195 29.02 -4.20 14.15
CA VAL A 195 27.63 -3.74 14.12
C VAL A 195 26.70 -4.96 14.07
N MET A 196 25.82 -5.09 15.05
CA MET A 196 24.82 -6.14 15.02
C MET A 196 23.45 -5.58 14.66
N THR A 197 22.80 -6.19 13.68
CA THR A 197 21.49 -5.76 13.25
C THR A 197 20.42 -6.75 13.74
N VAL A 198 19.37 -6.22 14.35
CA VAL A 198 18.26 -7.04 14.84
C VAL A 198 16.95 -6.53 14.27
N SER A 199 16.26 -7.38 13.50
CA SER A 199 15.01 -6.96 12.86
C SER A 199 13.84 -7.87 13.19
N LEU A 200 12.78 -7.26 13.71
CA LEU A 200 11.50 -7.94 13.91
C LEU A 200 10.56 -7.44 12.81
N HIS A 201 10.03 -8.36 12.02
CA HIS A 201 9.30 -7.98 10.81
C HIS A 201 8.35 -9.06 10.35
N LYS A 202 7.39 -8.67 9.50
CA LYS A 202 6.51 -9.64 8.87
C LYS A 202 7.29 -10.41 7.81
N PHE A 203 7.18 -11.74 7.87
CA PHE A 203 7.86 -12.60 6.91
C PHE A 203 6.88 -13.59 6.33
N SER A 204 6.58 -13.43 5.04
CA SER A 204 5.62 -14.27 4.35
C SER A 204 5.88 -14.16 2.86
N PRO A 205 5.79 -15.29 2.13
CA PRO A 205 6.06 -15.31 0.69
C PRO A 205 5.18 -14.33 -0.08
N GLY A 206 5.82 -13.37 -0.75
CA GLY A 206 5.09 -12.35 -1.48
C GLY A 206 5.10 -11.00 -0.79
N PHE A 207 5.44 -10.99 0.49
CA PHE A 207 5.48 -9.75 1.26
C PHE A 207 6.86 -9.10 1.26
N PHE A 208 6.88 -7.81 0.92
CA PHE A 208 8.11 -7.04 0.76
C PHE A 208 8.93 -6.99 2.06
N PRO A 209 10.27 -7.12 1.94
CA PRO A 209 11.02 -7.35 0.71
C PRO A 209 11.30 -8.83 0.44
N GLY A 210 10.72 -9.73 1.23
CA GLY A 210 10.84 -11.15 0.98
C GLY A 210 12.01 -11.81 1.67
N THR A 211 12.89 -11.01 2.27
CA THR A 211 14.06 -11.54 2.96
C THR A 211 13.93 -11.39 4.47
N GLY A 212 14.89 -11.95 5.20
CA GLY A 212 14.93 -11.81 6.64
C GLY A 212 14.35 -12.98 7.41
N ASP A 213 14.61 -14.19 6.93
CA ASP A 213 14.22 -15.38 7.66
C ASP A 213 15.19 -15.56 8.83
N VAL A 214 14.82 -16.41 9.79
CA VAL A 214 15.66 -16.63 10.97
C VAL A 214 17.01 -17.24 10.58
N SER A 215 17.05 -17.89 9.42
CA SER A 215 18.26 -18.54 8.93
C SER A 215 19.32 -17.52 8.48
N ASP A 216 18.88 -16.31 8.13
CA ASP A 216 19.80 -15.25 7.73
C ASP A 216 20.55 -14.71 8.94
N VAL A 217 21.85 -14.97 9.00
CA VAL A 217 22.65 -14.59 10.16
C VAL A 217 23.87 -13.74 9.80
N GLY A 218 24.04 -13.45 8.52
CA GLY A 218 25.18 -12.67 8.08
C GLY A 218 26.21 -13.51 7.36
N LEU A 219 27.28 -12.87 6.87
CA LEU A 219 28.29 -13.55 6.08
C LEU A 219 29.71 -13.20 6.55
N GLY A 220 30.65 -14.11 6.28
CA GLY A 220 32.05 -13.90 6.62
C GLY A 220 32.31 -13.69 8.09
N LYS A 221 33.08 -12.66 8.43
CA LYS A 221 33.34 -12.32 9.82
C LYS A 221 32.11 -11.72 10.49
N GLY A 222 31.09 -11.41 9.69
CA GLY A 222 29.85 -10.88 10.19
C GLY A 222 28.81 -11.97 10.45
N ARG A 223 29.20 -13.22 10.25
CA ARG A 223 28.31 -14.35 10.49
C ARG A 223 27.86 -14.38 11.96
N TYR A 224 26.57 -14.58 12.16
CA TYR A 224 25.91 -14.55 13.48
C TYR A 224 25.76 -13.14 14.06
N TYR A 225 26.11 -12.13 13.27
CA TYR A 225 25.94 -10.74 13.70
C TYR A 225 24.78 -10.07 13.00
N SER A 226 23.91 -10.89 12.39
CA SER A 226 22.64 -10.43 11.86
C SER A 226 21.52 -11.27 12.48
N VAL A 227 20.58 -10.62 13.15
CA VAL A 227 19.49 -11.32 13.81
C VAL A 227 18.15 -10.98 13.18
N ASN A 228 17.41 -12.01 12.77
CA ASN A 228 16.10 -11.82 12.15
C ASN A 228 15.00 -12.60 12.87
N VAL A 229 13.89 -11.91 13.16
CA VAL A 229 12.75 -12.53 13.82
C VAL A 229 11.51 -12.45 12.93
N PRO A 230 11.25 -13.50 12.15
CA PRO A 230 10.07 -13.58 11.28
C PRO A 230 8.79 -13.68 12.10
N ILE A 231 7.79 -12.85 11.76
CA ILE A 231 6.53 -12.80 12.49
C ILE A 231 5.36 -12.79 11.51
N GLN A 232 4.24 -13.38 11.90
CA GLN A 232 3.06 -13.44 11.05
C GLN A 232 2.03 -12.37 11.44
N ASP A 233 0.96 -12.27 10.64
CA ASP A 233 -0.08 -11.27 10.86
C ASP A 233 -0.78 -11.38 12.21
N GLY A 234 -1.26 -10.25 12.70
CA GLY A 234 -2.16 -10.22 13.84
C GLY A 234 -1.54 -10.18 15.22
N ILE A 235 -0.22 -10.12 15.31
CA ILE A 235 0.45 -10.11 16.61
C ILE A 235 0.10 -8.84 17.39
N GLN A 236 -0.11 -8.99 18.70
CA GLN A 236 -0.49 -7.85 19.54
C GLN A 236 0.56 -7.53 20.58
N ASP A 237 0.31 -6.47 21.36
CA ASP A 237 1.28 -5.90 22.29
C ASP A 237 2.01 -6.91 23.18
N GLU A 238 1.25 -7.76 23.85
CA GLU A 238 1.82 -8.66 24.85
C GLU A 238 2.83 -9.65 24.26
N LYS A 239 2.38 -10.43 23.28
CA LYS A 239 3.25 -11.44 22.67
C LYS A 239 4.43 -10.83 21.92
N TYR A 240 4.23 -9.64 21.37
CA TYR A 240 5.30 -8.96 20.65
C TYR A 240 6.40 -8.52 21.61
N TYR A 241 6.00 -7.94 22.74
CA TYR A 241 6.98 -7.46 23.72
C TYR A 241 7.78 -8.59 24.35
N GLN A 242 7.08 -9.65 24.75
CA GLN A 242 7.74 -10.81 25.35
C GLN A 242 8.76 -11.41 24.40
N ASN A 243 8.38 -11.51 23.13
CA ASN A 243 9.27 -12.02 22.10
C ASN A 243 10.44 -11.07 21.86
N CYS A 244 10.15 -9.77 21.85
CA CYS A 244 11.18 -8.77 21.62
C CYS A 244 12.15 -8.65 22.79
N GLU A 245 11.63 -8.69 24.01
CA GLU A 245 12.46 -8.60 25.21
C GLU A 245 13.44 -9.76 25.32
N SER A 246 12.93 -10.97 25.10
CA SER A 246 13.74 -12.17 25.21
C SER A 246 14.88 -12.19 24.19
N VAL A 247 14.61 -11.65 23.01
CA VAL A 247 15.64 -11.54 21.98
C VAL A 247 16.68 -10.50 22.36
N LEU A 248 16.20 -9.31 22.74
CA LEU A 248 17.10 -8.22 23.13
C LEU A 248 17.91 -8.56 24.37
N LYS A 249 17.35 -9.38 25.25
CA LYS A 249 18.05 -9.82 26.45
C LYS A 249 19.30 -10.61 26.08
N GLU A 250 19.14 -11.60 25.20
CA GLU A 250 20.24 -12.43 24.76
C GLU A 250 21.25 -11.63 23.94
N VAL A 251 20.73 -10.75 23.09
CA VAL A 251 21.57 -9.91 22.23
C VAL A 251 22.45 -8.97 23.06
N TYR A 252 21.86 -8.38 24.10
CA TYR A 252 22.60 -7.43 24.94
C TYR A 252 23.76 -8.09 25.66
N GLN A 253 23.52 -9.29 26.21
CA GLN A 253 24.55 -10.02 26.95
CA GLN A 253 24.56 -10.00 26.95
C GLN A 253 25.62 -10.57 26.02
N ALA A 254 25.21 -11.02 24.84
CA ALA A 254 26.13 -11.60 23.87
C ALA A 254 27.00 -10.55 23.17
N PHE A 255 26.36 -9.47 22.73
CA PHE A 255 27.04 -8.49 21.90
C PHE A 255 27.64 -7.33 22.70
N ASN A 256 26.99 -6.98 23.81
CA ASN A 256 27.43 -5.87 24.67
C ASN A 256 27.65 -4.58 23.88
N PRO A 257 26.56 -3.95 23.44
CA PRO A 257 26.66 -2.75 22.59
C PRO A 257 27.11 -1.53 23.38
N LYS A 258 27.70 -0.56 22.68
CA LYS A 258 28.10 0.69 23.31
C LYS A 258 27.18 1.82 22.89
N ALA A 259 26.40 1.59 21.84
CA ALA A 259 25.40 2.55 21.37
C ALA A 259 24.33 1.83 20.58
N VAL A 260 23.15 2.44 20.49
CA VAL A 260 22.00 1.80 19.84
C VAL A 260 21.37 2.70 18.77
N VAL A 261 21.06 2.12 17.63
CA VAL A 261 20.21 2.77 16.64
C VAL A 261 18.88 2.02 16.57
N LEU A 262 17.79 2.74 16.82
CA LEU A 262 16.47 2.11 16.93
C LEU A 262 15.49 2.65 15.89
N GLN A 263 15.07 1.78 14.98
CA GLN A 263 14.12 2.13 13.94
C GLN A 263 12.72 1.72 14.41
N LEU A 264 11.80 2.69 14.45
CA LEU A 264 10.48 2.45 15.02
C LEU A 264 9.34 2.73 14.04
N GLY A 265 9.43 2.15 12.84
CA GLY A 265 8.39 2.29 11.83
C GLY A 265 7.02 1.95 12.35
N ALA A 266 6.04 2.80 12.09
CA ALA A 266 4.71 2.68 12.68
C ALA A 266 3.70 1.93 11.80
N ASP A 267 4.19 1.24 10.76
CA ASP A 267 3.30 0.47 9.92
C ASP A 267 2.90 -0.87 10.55
N THR A 268 3.29 -1.07 11.80
CA THR A 268 2.88 -2.24 12.57
C THR A 268 1.63 -1.93 13.37
N ILE A 269 1.30 -0.65 13.48
CA ILE A 269 0.20 -0.20 14.32
C ILE A 269 -1.17 -0.50 13.71
N ALA A 270 -2.10 -0.96 14.53
CA ALA A 270 -3.47 -1.22 14.11
C ALA A 270 -4.07 0.02 13.45
N GLY A 271 -4.72 -0.19 12.30
CA GLY A 271 -5.31 0.91 11.57
C GLY A 271 -4.49 1.31 10.36
N ASP A 272 -3.27 0.80 10.28
CA ASP A 272 -2.43 1.03 9.12
C ASP A 272 -3.04 0.30 7.93
N PRO A 273 -3.04 0.95 6.75
CA PRO A 273 -3.61 0.35 5.54
C PRO A 273 -2.93 -0.98 5.16
N MET A 274 -1.69 -1.18 5.59
CA MET A 274 -1.01 -2.43 5.36
C MET A 274 -1.72 -3.58 6.08
N CYS A 275 -2.35 -3.25 7.21
CA CYS A 275 -3.24 -4.19 7.91
C CYS A 275 -2.60 -5.56 8.18
N SER A 276 -1.38 -5.54 8.72
CA SER A 276 -0.66 -6.77 8.98
C SER A 276 -0.62 -7.10 10.47
N PHE A 277 0.28 -6.43 11.19
CA PHE A 277 0.35 -6.59 12.64
C PHE A 277 -0.83 -5.86 13.29
N ASN A 278 -1.01 -6.08 14.58
CA ASN A 278 -2.13 -5.49 15.30
C ASN A 278 -1.65 -4.83 16.59
N MET A 279 -0.66 -3.95 16.47
CA MET A 279 0.01 -3.37 17.62
C MET A 279 -0.57 -2.00 18.01
N THR A 280 -0.26 -1.59 19.24
CA THR A 280 -0.55 -0.25 19.71
C THR A 280 0.77 0.38 20.15
N PRO A 281 0.86 1.72 20.18
CA PRO A 281 2.08 2.39 20.59
C PRO A 281 2.55 2.00 21.99
N VAL A 282 1.63 1.50 22.82
CA VAL A 282 1.97 1.03 24.16
C VAL A 282 2.92 -0.17 24.09
N GLY A 283 2.61 -1.12 23.22
CA GLY A 283 3.44 -2.30 23.03
C GLY A 283 4.85 -1.96 22.55
N ILE A 284 4.92 -1.12 21.53
CA ILE A 284 6.21 -0.64 21.01
C ILE A 284 6.94 0.14 22.10
N GLY A 285 6.19 0.92 22.86
CA GLY A 285 6.74 1.72 23.94
C GLY A 285 7.50 0.91 24.98
N LYS A 286 6.96 -0.26 25.33
CA LYS A 286 7.61 -1.14 26.28
C LYS A 286 8.96 -1.63 25.75
N CYS A 287 9.01 -1.95 24.47
CA CYS A 287 10.26 -2.33 23.83
C CYS A 287 11.26 -1.19 23.93
N LEU A 288 10.78 0.02 23.66
CA LEU A 288 11.59 1.22 23.74
C LEU A 288 12.13 1.44 25.16
N LYS A 289 11.25 1.25 26.15
CA LYS A 289 11.64 1.39 27.55
C LYS A 289 12.76 0.42 27.92
N TYR A 290 12.64 -0.83 27.49
CA TYR A 290 13.62 -1.85 27.79
C TYR A 290 14.98 -1.51 27.20
N ILE A 291 14.97 -0.84 26.05
CA ILE A 291 16.19 -0.42 25.39
C ILE A 291 16.76 0.82 26.08
N LEU A 292 15.88 1.75 26.45
CA LEU A 292 16.28 3.00 27.08
C LEU A 292 16.94 2.80 28.44
N GLN A 293 16.61 1.71 29.12
CA GLN A 293 17.14 1.46 30.46
C GLN A 293 18.57 0.92 30.41
N TRP A 294 19.06 0.66 29.20
CA TRP A 294 20.44 0.26 29.01
C TRP A 294 21.39 1.43 29.27
N GLN A 295 20.82 2.63 29.30
CA GLN A 295 21.57 3.86 29.56
C GLN A 295 22.68 4.08 28.53
N LEU A 296 22.41 3.71 27.29
CA LEU A 296 23.38 3.88 26.21
C LEU A 296 22.95 5.00 25.27
N ALA A 297 23.91 5.53 24.51
CA ALA A 297 23.61 6.52 23.49
C ALA A 297 22.66 5.90 22.47
N THR A 298 21.49 6.49 22.31
CA THR A 298 20.44 5.89 21.48
C THR A 298 19.92 6.87 20.41
N LEU A 299 20.01 6.44 19.17
CA LEU A 299 19.51 7.22 18.04
C LEU A 299 18.14 6.69 17.62
N ILE A 300 17.12 7.55 17.75
CA ILE A 300 15.75 7.16 17.47
C ILE A 300 15.35 7.59 16.06
N LEU A 301 14.88 6.62 15.28
CA LEU A 301 14.42 6.88 13.92
C LEU A 301 12.98 6.41 13.72
N GLY A 302 12.29 7.02 12.77
CA GLY A 302 10.95 6.59 12.41
C GLY A 302 11.02 5.53 11.33
N GLY A 303 10.19 5.68 10.30
CA GLY A 303 10.21 4.75 9.19
C GLY A 303 8.86 4.68 8.50
N GLY A 304 8.36 3.47 8.33
CA GLY A 304 7.05 3.26 7.73
C GLY A 304 5.94 3.75 8.63
N GLY A 305 4.73 3.82 8.08
CA GLY A 305 3.58 4.32 8.82
C GLY A 305 2.68 5.08 7.88
N TYR A 306 1.58 4.46 7.48
CA TYR A 306 0.77 4.97 6.38
C TYR A 306 -0.66 5.32 6.78
N ASN A 307 -0.96 5.15 8.07
CA ASN A 307 -2.08 5.84 8.68
C ASN A 307 -1.48 7.06 9.36
N LEU A 308 -1.53 8.19 8.66
CA LEU A 308 -0.77 9.37 9.06
C LEU A 308 -1.08 9.88 10.46
N ALA A 309 -2.37 9.89 10.81
CA ALA A 309 -2.80 10.34 12.13
C ALA A 309 -2.30 9.37 13.21
N ASN A 310 -2.47 8.08 12.96
CA ASN A 310 -2.02 7.04 13.89
C ASN A 310 -0.51 7.03 14.06
N THR A 311 0.22 7.33 12.99
CA THR A 311 1.67 7.39 13.03
C THR A 311 2.14 8.55 13.91
N ALA A 312 1.44 9.68 13.79
CA ALA A 312 1.69 10.82 14.65
C ALA A 312 1.36 10.48 16.09
N ARG A 313 0.23 9.80 16.29
CA ARG A 313 -0.18 9.30 17.61
C ARG A 313 0.92 8.46 18.23
N CYS A 314 1.47 7.55 17.45
CA CYS A 314 2.47 6.60 17.94
C CYS A 314 3.76 7.30 18.37
N TRP A 315 4.33 8.08 17.48
CA TRP A 315 5.61 8.73 17.72
C TRP A 315 5.51 9.84 18.76
N THR A 316 4.34 10.47 18.86
CA THR A 316 4.09 11.43 19.93
C THR A 316 4.09 10.70 21.27
N TYR A 317 3.41 9.56 21.32
CA TYR A 317 3.39 8.74 22.52
C TYR A 317 4.79 8.28 22.92
N LEU A 318 5.56 7.83 21.93
CA LEU A 318 6.92 7.35 22.18
C LEU A 318 7.83 8.48 22.63
N THR A 319 7.59 9.68 22.10
CA THR A 319 8.33 10.86 22.52
C THR A 319 8.06 11.14 24.00
N GLY A 320 6.83 10.90 24.41
CA GLY A 320 6.45 11.04 25.80
C GLY A 320 7.07 9.98 26.68
N VAL A 321 7.28 8.79 26.11
CA VAL A 321 7.92 7.70 26.81
C VAL A 321 9.40 8.01 27.07
N ILE A 322 10.06 8.56 26.05
CA ILE A 322 11.45 8.97 26.17
C ILE A 322 11.61 10.05 27.25
N LEU A 323 10.62 10.93 27.34
CA LEU A 323 10.64 12.03 28.30
C LEU A 323 10.15 11.59 29.68
N GLY A 324 9.64 10.38 29.77
CA GLY A 324 9.08 9.87 31.01
C GLY A 324 7.86 10.64 31.44
N LYS A 325 7.04 11.03 30.46
CA LYS A 325 5.84 11.82 30.72
C LYS A 325 4.58 11.05 30.35
N THR A 326 3.50 11.32 31.09
CA THR A 326 2.20 10.73 30.77
C THR A 326 1.38 11.78 30.02
N LEU A 327 0.89 11.39 28.84
CA LEU A 327 0.17 12.32 27.98
C LEU A 327 -1.34 12.25 28.17
N SER A 328 -2.00 13.39 28.00
CA SER A 328 -3.44 13.45 28.08
C SER A 328 -4.06 12.61 26.97
N SER A 329 -5.08 11.83 27.32
CA SER A 329 -5.71 10.92 26.38
C SER A 329 -6.39 11.67 25.24
N GLU A 330 -6.91 12.86 25.52
CA GLU A 330 -7.60 13.66 24.51
C GLU A 330 -6.59 14.41 23.63
N ILE A 331 -6.82 14.35 22.33
CA ILE A 331 -5.96 15.03 21.37
C ILE A 331 -6.17 16.55 21.44
N PRO A 332 -5.10 17.29 21.75
CA PRO A 332 -5.17 18.76 21.80
C PRO A 332 -5.48 19.33 20.42
N ASP A 333 -6.11 20.49 20.39
CA ASP A 333 -6.40 21.16 19.13
C ASP A 333 -5.09 21.64 18.50
N HIS A 334 -5.00 21.49 17.18
CA HIS A 334 -3.83 21.94 16.43
C HIS A 334 -4.16 21.97 14.94
N GLU A 335 -3.13 22.09 14.11
CA GLU A 335 -3.32 22.25 12.66
C GLU A 335 -4.08 21.09 12.02
N PHE A 336 -3.85 19.87 12.50
CA PHE A 336 -4.45 18.69 11.89
C PHE A 336 -5.46 17.99 12.80
N PHE A 337 -6.11 18.75 13.66
CA PHE A 337 -7.03 18.18 14.64
C PHE A 337 -8.19 17.40 14.01
N THR A 338 -8.64 17.84 12.84
CA THR A 338 -9.78 17.22 12.18
C THR A 338 -9.48 15.82 11.65
N ALA A 339 -8.19 15.49 11.52
CA ALA A 339 -7.79 14.19 11.00
C ALA A 339 -7.87 13.09 12.05
N TYR A 340 -8.23 13.46 13.28
CA TYR A 340 -8.17 12.52 14.39
C TYR A 340 -9.54 11.97 14.82
N GLY A 341 -10.53 12.13 13.95
CA GLY A 341 -11.85 11.58 14.21
C GLY A 341 -11.83 10.06 14.08
N PRO A 342 -12.94 9.41 14.48
CA PRO A 342 -14.12 10.08 15.04
C PRO A 342 -14.07 10.20 16.56
N ASP A 343 -13.00 9.72 17.19
CA ASP A 343 -12.92 9.69 18.65
C ASP A 343 -11.98 10.75 19.25
N TYR A 344 -10.99 11.17 18.47
CA TYR A 344 -10.10 12.26 18.86
C TYR A 344 -9.31 11.99 20.15
N VAL A 345 -8.85 10.76 20.31
CA VAL A 345 -8.02 10.41 21.46
C VAL A 345 -6.64 9.89 21.02
N LEU A 346 -5.73 9.80 21.97
CA LEU A 346 -4.35 9.40 21.70
C LEU A 346 -4.19 7.90 21.58
N GLU A 347 -4.94 7.16 22.39
CA GLU A 347 -4.84 5.71 22.43
C GLU A 347 -5.37 5.08 21.15
N ILE A 348 -4.77 3.97 20.74
CA ILE A 348 -5.20 3.24 19.56
C ILE A 348 -5.74 1.88 19.94
N THR A 349 -6.91 1.54 19.42
CA THR A 349 -7.56 0.27 19.73
C THR A 349 -7.23 -0.79 18.68
N PRO A 350 -6.75 -1.96 19.14
CA PRO A 350 -6.43 -3.09 18.26
C PRO A 350 -7.65 -3.54 17.45
N SER A 351 -7.42 -4.00 16.23
CA SER A 351 -8.50 -4.48 15.38
C SER A 351 -8.97 -5.85 15.83
N CYS A 352 -10.15 -6.26 15.38
CA CYS A 352 -10.73 -7.54 15.75
C CYS A 352 -10.40 -8.64 14.72
N ARG A 353 -9.15 -9.08 14.70
CA ARG A 353 -8.74 -10.14 13.80
C ARG A 353 -7.69 -11.05 14.45
N PRO A 354 -7.64 -12.32 14.03
CA PRO A 354 -6.80 -13.35 14.68
C PRO A 354 -5.31 -13.05 14.73
N ASP A 355 -4.64 -13.67 15.71
CA ASP A 355 -3.19 -13.71 15.77
C ASP A 355 -2.74 -14.99 15.06
N ARG A 356 -2.08 -14.84 13.92
CA ARG A 356 -1.70 -15.99 13.10
C ARG A 356 -0.40 -16.64 13.55
N ASN A 357 0.16 -16.18 14.66
CA ASN A 357 1.41 -16.73 15.17
C ASN A 357 1.18 -17.92 16.11
N GLU A 358 1.67 -19.09 15.70
CA GLU A 358 1.64 -20.27 16.56
C GLU A 358 2.71 -20.15 17.64
N PRO A 359 2.32 -20.36 18.91
CA PRO A 359 3.21 -20.23 20.08
C PRO A 359 4.48 -21.06 19.95
N HIS A 360 4.39 -22.25 19.36
CA HIS A 360 5.56 -23.13 19.22
C HIS A 360 6.56 -22.60 18.20
N ARG A 361 6.08 -21.91 17.19
CA ARG A 361 6.96 -21.37 16.15
C ARG A 361 7.82 -20.24 16.71
N ILE A 362 7.20 -19.40 17.53
CA ILE A 362 7.91 -18.28 18.17
C ILE A 362 9.07 -18.79 19.03
N GLN A 363 8.83 -19.88 19.74
CA GLN A 363 9.83 -20.46 20.63
C GLN A 363 11.03 -21.01 19.85
N GLN A 364 10.76 -21.67 18.73
CA GLN A 364 11.83 -22.25 17.93
C GLN A 364 12.71 -21.20 17.25
N ILE A 365 12.09 -20.12 16.80
CA ILE A 365 12.82 -18.99 16.26
C ILE A 365 13.74 -18.42 17.35
N LEU A 366 13.22 -18.37 18.57
CA LEU A 366 13.99 -17.90 19.71
C LEU A 366 15.17 -18.83 20.00
N ASN A 367 14.96 -20.13 19.85
CA ASN A 367 16.01 -21.11 20.07
C ASN A 367 17.15 -21.01 19.05
N TYR A 368 16.79 -20.78 17.78
CA TYR A 368 17.80 -20.57 16.74
C TYR A 368 18.67 -19.37 17.07
N ILE A 369 18.03 -18.28 17.50
CA ILE A 369 18.74 -17.05 17.80
C ILE A 369 19.68 -17.21 18.98
N LYS A 370 19.21 -17.86 20.04
CA LYS A 370 20.06 -18.16 21.19
C LYS A 370 21.25 -19.01 20.75
N GLY A 371 21.01 -19.93 19.82
CA GLY A 371 22.05 -20.79 19.31
C GLY A 371 23.09 -20.03 18.52
N ASN A 372 22.64 -19.10 17.69
CA ASN A 372 23.55 -18.28 16.91
C ASN A 372 24.35 -17.34 17.78
N LEU A 373 23.72 -16.84 18.84
CA LEU A 373 24.36 -15.88 19.74
C LEU A 373 25.39 -16.54 20.66
N LYS A 374 25.44 -17.87 20.66
CA LYS A 374 26.47 -18.59 21.38
C LYS A 374 27.82 -18.28 20.75
N HIS A 375 27.82 -18.19 19.43
CA HIS A 375 29.02 -17.87 18.68
C HIS A 375 29.49 -16.45 18.95
N VAL A 376 28.56 -15.58 19.36
CA VAL A 376 28.90 -14.23 19.77
C VAL A 376 29.48 -14.26 21.18
N VAL A 377 30.71 -14.74 21.29
CA VAL A 377 31.40 -14.85 22.57
C VAL A 377 32.79 -14.23 22.40
N ILE A 378 32.84 -13.16 21.62
CA ILE A 378 34.09 -12.51 21.26
C ILE A 378 33.96 -10.99 21.26
N LEU B 14 -20.28 -8.70 -32.15
CA LEU B 14 -19.45 -9.65 -32.87
C LEU B 14 -18.00 -9.57 -32.38
N VAL B 15 -17.29 -8.54 -32.84
CA VAL B 15 -15.91 -8.33 -32.45
C VAL B 15 -15.81 -7.35 -31.27
N PRO B 16 -15.06 -7.72 -30.23
CA PRO B 16 -14.90 -6.91 -29.02
C PRO B 16 -14.33 -5.52 -29.30
N VAL B 17 -14.92 -4.51 -28.69
CA VAL B 17 -14.40 -3.15 -28.77
C VAL B 17 -13.29 -2.94 -27.75
N TYR B 18 -12.18 -2.36 -28.20
CA TYR B 18 -11.03 -2.10 -27.36
C TYR B 18 -10.82 -0.60 -27.28
N ILE B 19 -11.16 -0.01 -26.13
CA ILE B 19 -11.04 1.43 -25.95
C ILE B 19 -9.57 1.81 -25.84
N TYR B 20 -9.06 2.53 -26.83
CA TYR B 20 -7.65 2.88 -26.86
C TYR B 20 -7.32 4.08 -27.74
N SER B 21 -6.34 4.87 -27.29
CA SER B 21 -5.68 5.88 -28.11
C SER B 21 -4.36 6.21 -27.41
N PRO B 22 -3.31 6.49 -28.21
CA PRO B 22 -1.99 6.83 -27.66
C PRO B 22 -2.06 7.97 -26.64
N GLU B 23 -2.98 8.91 -26.84
CA GLU B 23 -3.14 10.03 -25.92
C GLU B 23 -3.83 9.58 -24.63
N TYR B 24 -4.72 8.59 -24.75
CA TYR B 24 -5.45 8.07 -23.61
C TYR B 24 -4.50 7.29 -22.68
N VAL B 25 -3.69 6.44 -23.27
CA VAL B 25 -2.71 5.66 -22.51
C VAL B 25 -1.69 6.57 -21.83
N SER B 26 -1.25 7.60 -22.55
CA SER B 26 -0.32 8.58 -22.00
C SER B 26 -0.92 9.32 -20.82
N MET B 27 -2.21 9.65 -20.93
CA MET B 27 -2.92 10.32 -19.84
C MET B 27 -3.01 9.41 -18.61
N CYS B 28 -3.33 8.15 -18.83
CA CYS B 28 -3.49 7.19 -17.74
C CYS B 28 -2.15 6.81 -17.12
N ASP B 29 -1.07 6.90 -17.90
CA ASP B 29 0.27 6.62 -17.39
C ASP B 29 0.70 7.65 -16.35
N SER B 30 -0.01 8.77 -16.28
CA SER B 30 0.37 9.89 -15.43
C SER B 30 -0.01 9.73 -13.96
N LEU B 31 -0.94 8.82 -13.67
CA LEU B 31 -1.37 8.62 -12.29
C LEU B 31 -0.24 8.05 -11.44
N ALA B 32 0.10 8.76 -10.37
CA ALA B 32 1.28 8.46 -9.56
C ALA B 32 1.24 7.10 -8.85
N LYS B 33 0.04 6.61 -8.57
CA LYS B 33 -0.10 5.32 -7.90
C LYS B 33 0.13 4.14 -8.85
N ILE B 34 -0.01 4.40 -10.15
CA ILE B 34 0.22 3.36 -11.16
C ILE B 34 0.97 3.89 -12.39
N PRO B 35 2.22 4.35 -12.19
CA PRO B 35 2.98 4.97 -13.28
C PRO B 35 3.30 4.01 -14.43
N LYS B 36 2.91 4.40 -15.63
CA LYS B 36 3.18 3.64 -16.85
C LYS B 36 2.51 2.26 -16.91
N ARG B 37 1.56 2.02 -16.02
CA ARG B 37 0.88 0.72 -15.99
C ARG B 37 0.02 0.53 -17.23
N ALA B 38 -0.61 1.61 -17.69
CA ALA B 38 -1.47 1.56 -18.86
C ALA B 38 -0.67 1.16 -20.11
N SER B 39 0.52 1.74 -20.25
CA SER B 39 1.40 1.40 -21.37
C SER B 39 1.80 -0.07 -21.33
N MET B 40 2.19 -0.55 -20.15
CA MET B 40 2.59 -1.95 -19.98
C MET B 40 1.46 -2.90 -20.37
N VAL B 41 0.24 -2.55 -19.97
CA VAL B 41 -0.94 -3.35 -20.31
C VAL B 41 -1.18 -3.35 -21.82
N HIS B 42 -1.21 -2.18 -22.42
CA HIS B 42 -1.41 -2.07 -23.86
C HIS B 42 -0.26 -2.68 -24.66
N SER B 43 0.97 -2.39 -24.24
CA SER B 43 2.16 -2.89 -24.94
C SER B 43 2.16 -4.41 -24.99
N LEU B 44 1.79 -5.05 -23.88
CA LEU B 44 1.76 -6.51 -23.83
C LEU B 44 0.65 -7.06 -24.70
N ILE B 45 -0.50 -6.39 -24.69
CA ILE B 45 -1.62 -6.76 -25.55
C ILE B 45 -1.23 -6.59 -27.01
N GLU B 46 -0.55 -5.50 -27.32
CA GLU B 46 -0.09 -5.22 -28.66
C GLU B 46 0.96 -6.24 -29.12
N ALA B 47 1.86 -6.60 -28.21
CA ALA B 47 2.93 -7.55 -28.54
C ALA B 47 2.38 -8.95 -28.82
N TYR B 48 1.19 -9.23 -28.27
CA TYR B 48 0.51 -10.49 -28.56
C TYR B 48 -0.41 -10.33 -29.76
N ALA B 49 -0.40 -9.15 -30.36
CA ALA B 49 -1.21 -8.83 -31.54
C ALA B 49 -2.71 -9.03 -31.31
N LEU B 50 -3.14 -8.94 -30.05
CA LEU B 50 -4.54 -9.14 -29.71
C LEU B 50 -5.39 -7.96 -30.17
N HIS B 51 -4.75 -6.81 -30.35
CA HIS B 51 -5.45 -5.59 -30.76
C HIS B 51 -5.94 -5.66 -32.20
N LYS B 52 -5.32 -6.51 -33.00
CA LYS B 52 -5.70 -6.67 -34.40
C LYS B 52 -6.97 -7.51 -34.55
N GLN B 53 -7.30 -8.24 -33.49
CA GLN B 53 -8.51 -9.06 -33.47
C GLN B 53 -9.65 -8.31 -32.77
N MET B 54 -9.45 -7.03 -32.54
CA MET B 54 -10.45 -6.21 -31.86
C MET B 54 -10.72 -4.91 -32.61
N ARG B 55 -11.92 -4.37 -32.42
CA ARG B 55 -12.29 -3.10 -33.02
C ARG B 55 -11.81 -1.96 -32.13
N ILE B 56 -10.70 -1.35 -32.51
CA ILE B 56 -10.12 -0.26 -31.73
C ILE B 56 -10.95 1.01 -31.86
N VAL B 57 -11.41 1.51 -30.72
CA VAL B 57 -12.20 2.74 -30.68
C VAL B 57 -11.54 3.76 -29.76
N LYS B 58 -11.28 4.96 -30.27
CA LYS B 58 -10.73 6.02 -29.45
C LYS B 58 -11.79 6.56 -28.50
N PRO B 59 -11.40 6.80 -27.24
CA PRO B 59 -12.35 7.29 -26.22
C PRO B 59 -12.66 8.76 -26.39
N LYS B 60 -13.91 9.14 -26.14
CA LYS B 60 -14.29 10.54 -26.10
C LYS B 60 -14.13 11.02 -24.67
N VAL B 61 -13.75 12.29 -24.50
CA VAL B 61 -13.62 12.84 -23.16
C VAL B 61 -15.00 13.11 -22.59
N ALA B 62 -15.18 12.78 -21.31
CA ALA B 62 -16.47 13.00 -20.65
C ALA B 62 -16.75 14.49 -20.49
N SER B 63 -17.91 14.92 -20.98
CA SER B 63 -18.33 16.32 -20.83
C SER B 63 -18.68 16.59 -19.38
N MET B 64 -18.82 17.87 -19.04
CA MET B 64 -19.18 18.26 -17.68
C MET B 64 -20.55 17.70 -17.31
N GLU B 65 -21.47 17.71 -18.27
CA GLU B 65 -22.83 17.22 -18.05
C GLU B 65 -22.84 15.71 -17.80
N GLU B 66 -22.01 14.99 -18.54
CA GLU B 66 -21.93 13.53 -18.40
C GLU B 66 -21.39 13.14 -17.04
N MET B 67 -20.35 13.84 -16.59
CA MET B 67 -19.76 13.57 -15.28
C MET B 67 -20.73 13.99 -14.17
N ALA B 68 -21.57 14.98 -14.46
CA ALA B 68 -22.51 15.51 -13.47
C ALA B 68 -23.75 14.64 -13.30
N THR B 69 -23.84 13.56 -14.08
CA THR B 69 -24.94 12.61 -13.91
C THR B 69 -24.81 11.87 -12.59
N PHE B 70 -23.58 11.82 -12.07
CA PHE B 70 -23.34 11.23 -10.76
C PHE B 70 -22.70 12.23 -9.79
N HIS B 71 -21.64 12.90 -10.25
CA HIS B 71 -20.90 13.81 -9.38
C HIS B 71 -21.54 15.20 -9.29
N THR B 72 -21.43 15.81 -8.11
CA THR B 72 -21.98 17.14 -7.89
C THR B 72 -21.14 18.19 -8.61
N ASP B 73 -21.77 19.32 -8.94
CA ASP B 73 -21.09 20.42 -9.61
C ASP B 73 -20.01 21.02 -8.73
N ALA B 74 -20.30 21.13 -7.43
CA ALA B 74 -19.35 21.70 -6.48
C ALA B 74 -18.06 20.89 -6.43
N TYR B 75 -18.19 19.57 -6.46
CA TYR B 75 -17.02 18.69 -6.48
C TYR B 75 -16.28 18.74 -7.82
N LEU B 76 -17.05 18.67 -8.90
CA LEU B 76 -16.47 18.72 -10.25
C LEU B 76 -15.74 20.03 -10.51
N GLN B 77 -16.30 21.13 -10.04
CA GLN B 77 -15.67 22.44 -10.22
C GLN B 77 -14.42 22.58 -9.34
N HIS B 78 -14.48 22.02 -8.14
CA HIS B 78 -13.34 22.05 -7.24
C HIS B 78 -12.20 21.19 -7.79
N LEU B 79 -12.55 20.04 -8.35
CA LEU B 79 -11.58 19.14 -8.95
C LEU B 79 -10.87 19.85 -10.10
N GLN B 80 -11.65 20.60 -10.89
CA GLN B 80 -11.11 21.34 -12.02
C GLN B 80 -10.21 22.48 -11.57
N LYS B 81 -10.59 23.11 -10.45
CA LYS B 81 -9.84 24.26 -9.93
C LYS B 81 -8.46 23.88 -9.44
N VAL B 82 -8.39 22.91 -8.54
CA VAL B 82 -7.12 22.46 -7.96
C VAL B 82 -6.23 21.77 -8.99
N SER B 83 -6.82 21.37 -10.11
CA SER B 83 -6.07 20.73 -11.18
C SER B 83 -5.47 21.74 -12.14
N GLN B 84 -5.92 23.00 -12.05
CA GLN B 84 -5.44 24.05 -12.94
C GLN B 84 -3.94 24.27 -12.79
N GLU B 85 -3.50 24.63 -11.59
CA GLU B 85 -2.09 24.77 -11.30
C GLU B 85 -1.53 23.46 -10.77
N GLY B 86 -2.42 22.57 -10.37
CA GLY B 86 -2.00 21.30 -9.79
C GLY B 86 -1.36 21.47 -8.44
N ASP B 87 -1.72 22.57 -7.77
CA ASP B 87 -1.16 22.86 -6.46
C ASP B 87 -2.12 22.38 -5.37
N ASP B 88 -1.58 21.64 -4.41
CA ASP B 88 -2.34 21.21 -3.24
C ASP B 88 -2.53 22.41 -2.30
N ASP B 89 -2.65 22.13 -1.00
CA ASP B 89 -2.80 23.17 0.01
C ASP B 89 -3.98 24.11 -0.25
N HIS B 90 -5.07 23.56 -0.77
CA HIS B 90 -6.29 24.34 -0.94
C HIS B 90 -7.19 24.11 0.28
N PRO B 91 -7.81 25.19 0.79
CA PRO B 91 -8.61 25.14 2.02
C PRO B 91 -9.83 24.22 1.97
N ASP B 92 -10.23 23.80 0.77
CA ASP B 92 -11.44 22.99 0.64
C ASP B 92 -11.18 21.59 0.07
N SER B 93 -9.91 21.28 -0.18
CA SER B 93 -9.54 20.00 -0.78
C SER B 93 -9.87 18.81 0.10
N ILE B 94 -9.57 18.91 1.38
CA ILE B 94 -9.79 17.81 2.31
C ILE B 94 -11.28 17.48 2.45
N GLU B 95 -12.13 18.47 2.22
CA GLU B 95 -13.57 18.27 2.25
C GLU B 95 -14.00 17.36 1.11
N TYR B 96 -13.43 17.58 -0.07
CA TYR B 96 -13.77 16.79 -1.25
C TYR B 96 -12.90 15.54 -1.39
N GLY B 97 -12.30 15.11 -0.28
CA GLY B 97 -11.55 13.87 -0.26
C GLY B 97 -10.21 13.93 -0.97
N LEU B 98 -9.75 15.13 -1.30
CA LEU B 98 -8.45 15.29 -1.95
C LEU B 98 -7.36 15.47 -0.91
N GLY B 99 -6.42 14.53 -0.87
CA GLY B 99 -5.33 14.58 0.10
C GLY B 99 -4.33 13.46 -0.05
N TYR B 100 -4.30 12.56 0.94
CA TYR B 100 -3.34 11.46 0.95
C TYR B 100 -3.51 10.53 -0.26
N ASP B 101 -4.55 9.71 -0.22
CA ASP B 101 -4.79 8.73 -1.27
C ASP B 101 -5.08 9.39 -2.62
N CYS B 102 -5.63 10.60 -2.58
CA CYS B 102 -6.01 11.30 -3.79
C CYS B 102 -5.46 12.72 -3.84
N PRO B 103 -4.15 12.85 -4.11
CA PRO B 103 -3.51 14.18 -4.16
C PRO B 103 -4.02 15.00 -5.35
N ALA B 104 -4.16 16.30 -5.16
CA ALA B 104 -4.62 17.19 -6.21
C ALA B 104 -3.46 17.64 -7.10
N THR B 105 -3.07 16.77 -8.02
CA THR B 105 -1.94 17.05 -8.92
C THR B 105 -2.41 17.73 -10.21
N GLU B 106 -1.45 18.14 -11.03
CA GLU B 106 -1.75 18.89 -12.24
C GLU B 106 -2.35 18.02 -13.34
N GLY B 107 -3.47 18.47 -13.87
CA GLY B 107 -4.14 17.75 -14.94
C GLY B 107 -4.88 16.52 -14.46
N ILE B 108 -5.14 16.45 -13.17
CA ILE B 108 -5.85 15.32 -12.59
C ILE B 108 -7.32 15.31 -13.05
N PHE B 109 -7.85 16.50 -13.32
CA PHE B 109 -9.22 16.63 -13.82
C PHE B 109 -9.33 16.08 -15.22
N ASP B 110 -8.35 16.39 -16.07
CA ASP B 110 -8.32 15.90 -17.44
C ASP B 110 -8.08 14.39 -17.46
N TYR B 111 -7.34 13.91 -16.47
CA TYR B 111 -7.12 12.48 -16.29
C TYR B 111 -8.42 11.78 -15.94
N ALA B 112 -9.15 12.36 -14.99
CA ALA B 112 -10.42 11.80 -14.54
C ALA B 112 -11.45 11.82 -15.66
N ALA B 113 -11.51 12.94 -16.38
CA ALA B 113 -12.47 13.10 -17.48
C ALA B 113 -12.22 12.12 -18.61
N ALA B 114 -10.94 11.84 -18.88
CA ALA B 114 -10.56 10.93 -19.94
C ALA B 114 -11.00 9.50 -19.63
N ILE B 115 -10.75 9.06 -18.40
CA ILE B 115 -11.14 7.73 -17.96
C ILE B 115 -12.66 7.58 -17.93
N GLY B 116 -13.33 8.59 -17.38
CA GLY B 116 -14.79 8.59 -17.32
C GLY B 116 -15.41 8.49 -18.69
N GLY B 117 -14.91 9.29 -19.64
CA GLY B 117 -15.41 9.26 -21.00
C GLY B 117 -15.11 7.94 -21.70
N ALA B 118 -13.98 7.34 -21.35
CA ALA B 118 -13.58 6.07 -21.94
C ALA B 118 -14.56 4.95 -21.58
N THR B 119 -15.03 4.95 -20.33
CA THR B 119 -16.00 3.96 -19.89
C THR B 119 -17.38 4.27 -20.48
N ILE B 120 -17.69 5.55 -20.59
CA ILE B 120 -18.94 5.98 -21.21
C ILE B 120 -18.97 5.61 -22.69
N THR B 121 -17.87 5.87 -23.38
CA THR B 121 -17.73 5.50 -24.78
C THR B 121 -17.91 3.99 -24.97
N ALA B 122 -17.37 3.23 -24.04
CA ALA B 122 -17.50 1.78 -24.06
C ALA B 122 -18.95 1.36 -23.91
N ALA B 123 -19.64 1.97 -22.95
CA ALA B 123 -21.06 1.70 -22.73
C ALA B 123 -21.88 2.10 -23.94
N GLN B 124 -21.49 3.21 -24.57
CA GLN B 124 -22.17 3.71 -25.76
C GLN B 124 -22.05 2.72 -26.92
N CYS B 125 -20.89 2.06 -27.01
CA CYS B 125 -20.66 1.03 -28.02
C CYS B 125 -21.57 -0.17 -27.78
N LEU B 126 -21.81 -0.49 -26.51
CA LEU B 126 -22.71 -1.57 -26.15
C LEU B 126 -24.15 -1.27 -26.57
N ILE B 127 -24.58 -0.04 -26.30
CA ILE B 127 -25.93 0.41 -26.64
C ILE B 127 -26.17 0.34 -28.15
N ASP B 128 -25.21 0.86 -28.93
CA ASP B 128 -25.33 0.90 -30.38
C ASP B 128 -25.24 -0.50 -30.99
N GLY B 129 -24.93 -1.49 -30.17
CA GLY B 129 -24.88 -2.87 -30.62
C GLY B 129 -23.77 -3.16 -31.61
N MET B 130 -22.70 -2.36 -31.58
CA MET B 130 -21.57 -2.57 -32.45
C MET B 130 -20.64 -3.65 -31.88
N CYS B 131 -20.95 -4.07 -30.66
CA CYS B 131 -20.19 -5.11 -29.98
C CYS B 131 -21.00 -5.64 -28.80
N LYS B 132 -20.65 -6.84 -28.34
CA LYS B 132 -21.26 -7.40 -27.14
C LYS B 132 -20.30 -7.30 -25.95
N VAL B 133 -19.05 -6.98 -26.22
CA VAL B 133 -18.04 -6.78 -25.17
C VAL B 133 -17.21 -5.54 -25.47
N ALA B 134 -17.17 -4.61 -24.52
CA ALA B 134 -16.34 -3.41 -24.65
C ALA B 134 -15.35 -3.31 -23.49
N ILE B 135 -14.08 -3.07 -23.84
CA ILE B 135 -13.00 -3.13 -22.86
C ILE B 135 -12.33 -1.79 -22.59
N ASN B 136 -12.31 -1.39 -21.32
CA ASN B 136 -11.55 -0.23 -20.88
C ASN B 136 -10.70 -0.58 -19.67
N TRP B 137 -9.52 -1.13 -19.92
CA TRP B 137 -8.65 -1.61 -18.85
C TRP B 137 -8.19 -0.52 -17.87
N SER B 138 -8.23 0.74 -18.32
CA SER B 138 -7.81 1.85 -17.47
C SER B 138 -8.96 2.39 -16.62
N GLY B 139 -10.12 1.77 -16.72
CA GLY B 139 -11.24 2.16 -15.88
C GLY B 139 -11.37 1.26 -14.67
N GLY B 140 -12.46 1.44 -13.92
CA GLY B 140 -12.75 0.59 -12.77
C GLY B 140 -12.48 1.24 -11.44
N TRP B 141 -12.56 2.57 -11.40
CA TRP B 141 -12.29 3.31 -10.17
C TRP B 141 -13.53 3.43 -9.31
N HIS B 142 -13.76 2.38 -8.52
CA HIS B 142 -15.04 2.10 -7.89
C HIS B 142 -15.23 2.70 -6.49
N HIS B 143 -14.29 3.52 -6.03
CA HIS B 143 -14.38 4.08 -4.69
C HIS B 143 -14.96 5.49 -4.63
N ALA B 144 -14.81 6.24 -5.71
CA ALA B 144 -15.18 7.65 -5.74
C ALA B 144 -16.66 7.89 -5.40
N LYS B 145 -16.91 8.85 -4.54
CA LYS B 145 -18.26 9.23 -4.17
C LYS B 145 -18.72 10.39 -5.02
N LYS B 146 -20.00 10.75 -4.90
CA LYS B 146 -20.56 11.80 -5.76
C LYS B 146 -19.94 13.16 -5.48
N ASP B 147 -19.42 13.35 -4.28
CA ASP B 147 -18.79 14.61 -3.90
C ASP B 147 -17.49 14.42 -3.13
N GLU B 148 -16.82 13.32 -3.39
CA GLU B 148 -15.61 12.99 -2.63
C GLU B 148 -14.73 11.96 -3.35
N ALA B 149 -13.44 12.24 -3.41
CA ALA B 149 -12.46 11.29 -3.91
C ALA B 149 -12.17 10.26 -2.82
N SER B 150 -11.78 9.05 -3.22
CA SER B 150 -11.52 7.98 -2.26
C SER B 150 -10.72 6.85 -2.90
N GLY B 151 -9.78 6.30 -2.15
CA GLY B 151 -9.00 5.15 -2.56
C GLY B 151 -8.44 5.23 -3.97
N PHE B 152 -7.69 6.30 -4.23
CA PHE B 152 -7.04 6.56 -5.52
C PHE B 152 -8.05 6.91 -6.62
N CYS B 153 -9.33 7.02 -6.27
CA CYS B 153 -10.36 7.31 -7.26
C CYS B 153 -10.86 8.74 -7.16
N TYR B 154 -10.75 9.48 -8.25
CA TYR B 154 -11.19 10.87 -8.30
C TYR B 154 -12.56 10.97 -8.95
N LEU B 155 -12.85 10.03 -9.84
CA LEU B 155 -14.11 9.98 -10.55
C LEU B 155 -14.54 8.53 -10.63
N ASN B 156 -15.84 8.27 -10.53
CA ASN B 156 -16.34 6.91 -10.59
C ASN B 156 -16.84 6.56 -11.99
N ASP B 157 -15.93 6.04 -12.81
CA ASP B 157 -16.24 5.73 -14.20
C ASP B 157 -17.19 4.55 -14.32
N ALA B 158 -17.12 3.63 -13.35
CA ALA B 158 -18.02 2.49 -13.33
C ALA B 158 -19.46 2.95 -13.22
N VAL B 159 -19.71 3.87 -12.30
CA VAL B 159 -21.04 4.44 -12.11
C VAL B 159 -21.51 5.20 -13.35
N LEU B 160 -20.63 6.04 -13.90
CA LEU B 160 -20.93 6.80 -15.11
C LEU B 160 -21.27 5.86 -16.28
N GLY B 161 -20.57 4.73 -16.35
CA GLY B 161 -20.81 3.76 -17.40
C GLY B 161 -22.14 3.05 -17.22
N ILE B 162 -22.50 2.78 -15.97
CA ILE B 162 -23.77 2.15 -15.66
C ILE B 162 -24.94 3.09 -15.97
N LEU B 163 -24.77 4.37 -15.65
CA LEU B 163 -25.79 5.37 -15.92
C LEU B 163 -26.03 5.55 -17.41
N ARG B 164 -24.98 5.36 -18.20
CA ARG B 164 -25.11 5.41 -19.66
C ARG B 164 -25.86 4.19 -20.15
N LEU B 165 -25.57 3.04 -19.56
CA LEU B 165 -26.24 1.80 -19.93
C LEU B 165 -27.71 1.79 -19.52
N ARG B 166 -28.06 2.65 -18.56
CA ARG B 166 -29.43 2.76 -18.09
C ARG B 166 -30.36 3.40 -19.12
N ARG B 167 -29.77 3.94 -20.18
CA ARG B 167 -30.56 4.53 -21.26
C ARG B 167 -31.31 3.46 -22.05
N LYS B 168 -30.76 2.26 -22.09
CA LYS B 168 -31.35 1.17 -22.85
C LYS B 168 -31.76 -0.02 -21.98
N PHE B 169 -30.87 -0.42 -21.07
CA PHE B 169 -31.10 -1.62 -20.28
C PHE B 169 -31.85 -1.34 -18.98
N GLU B 170 -32.82 -2.18 -18.67
CA GLU B 170 -33.67 -1.99 -17.50
C GLU B 170 -33.08 -2.61 -16.25
N ARG B 171 -32.34 -3.70 -16.42
CA ARG B 171 -31.67 -4.35 -15.31
C ARG B 171 -30.19 -4.57 -15.59
N ILE B 172 -29.35 -3.91 -14.81
CA ILE B 172 -27.90 -3.98 -15.00
C ILE B 172 -27.23 -4.65 -13.81
N LEU B 173 -26.32 -5.57 -14.08
CA LEU B 173 -25.57 -6.25 -13.03
C LEU B 173 -24.14 -5.77 -12.98
N TYR B 174 -23.73 -5.26 -11.83
CA TYR B 174 -22.34 -4.85 -11.62
C TYR B 174 -21.60 -5.89 -10.80
N VAL B 175 -20.56 -6.47 -11.39
CA VAL B 175 -19.75 -7.47 -10.72
C VAL B 175 -18.34 -6.92 -10.45
N ASP B 176 -17.95 -6.93 -9.19
CA ASP B 176 -16.68 -6.35 -8.78
C ASP B 176 -15.77 -7.42 -8.18
N LEU B 177 -14.74 -7.81 -8.93
CA LEU B 177 -13.82 -8.85 -8.49
C LEU B 177 -12.49 -8.30 -7.96
N ASP B 178 -12.43 -6.98 -7.80
CA ASP B 178 -11.27 -6.31 -7.21
C ASP B 178 -11.04 -6.84 -5.80
N LEU B 179 -9.83 -6.67 -5.28
CA LEU B 179 -9.52 -7.08 -3.91
C LEU B 179 -10.34 -6.27 -2.91
N HIS B 180 -10.64 -5.02 -3.27
CA HIS B 180 -11.35 -4.12 -2.38
C HIS B 180 -12.85 -4.04 -2.67
N HIS B 181 -13.63 -3.76 -1.64
CA HIS B 181 -15.07 -3.59 -1.78
C HIS B 181 -15.37 -2.41 -2.70
N GLY B 182 -16.23 -2.65 -3.69
CA GLY B 182 -16.67 -1.59 -4.58
C GLY B 182 -17.73 -0.72 -3.94
N ASP B 183 -17.35 -0.02 -2.87
CA ASP B 183 -18.28 0.74 -2.06
C ASP B 183 -18.93 1.91 -2.81
N GLY B 184 -18.16 2.59 -3.64
CA GLY B 184 -18.65 3.75 -4.37
C GLY B 184 -19.78 3.42 -5.33
N VAL B 185 -19.64 2.31 -6.03
CA VAL B 185 -20.66 1.88 -6.99
C VAL B 185 -21.90 1.36 -6.27
N GLU B 186 -21.69 0.64 -5.17
CA GLU B 186 -22.79 0.10 -4.39
C GLU B 186 -23.63 1.22 -3.77
N ASP B 187 -22.97 2.21 -3.19
CA ASP B 187 -23.66 3.31 -2.53
C ASP B 187 -24.45 4.16 -3.52
N ALA B 188 -23.93 4.26 -4.74
CA ALA B 188 -24.59 5.05 -5.78
C ALA B 188 -25.95 4.47 -6.16
N PHE B 189 -26.08 3.15 -6.08
CA PHE B 189 -27.30 2.47 -6.50
C PHE B 189 -27.97 1.70 -5.37
N SER B 190 -27.57 1.96 -4.13
CA SER B 190 -28.08 1.20 -2.99
C SER B 190 -29.59 1.34 -2.78
N PHE B 191 -30.15 2.46 -3.25
CA PHE B 191 -31.58 2.72 -3.09
C PHE B 191 -32.38 2.31 -4.32
N THR B 192 -31.74 1.64 -5.26
CA THR B 192 -32.38 1.31 -6.53
C THR B 192 -32.36 -0.20 -6.82
N SER B 193 -33.34 -0.67 -7.58
CA SER B 193 -33.42 -2.08 -7.92
C SER B 193 -33.17 -2.33 -9.41
N LYS B 194 -32.90 -1.25 -10.15
CA LYS B 194 -32.63 -1.35 -11.58
C LYS B 194 -31.21 -1.84 -11.80
N VAL B 195 -30.36 -1.61 -10.80
CA VAL B 195 -28.97 -2.03 -10.86
C VAL B 195 -28.64 -2.85 -9.62
N MET B 196 -28.11 -4.05 -9.81
CA MET B 196 -27.63 -4.83 -8.68
C MET B 196 -26.11 -4.92 -8.67
N THR B 197 -25.52 -4.62 -7.51
CA THR B 197 -24.08 -4.68 -7.35
C THR B 197 -23.68 -5.94 -6.62
N VAL B 198 -22.71 -6.66 -7.16
CA VAL B 198 -22.15 -7.85 -6.51
C VAL B 198 -20.64 -7.67 -6.34
N SER B 199 -20.17 -7.73 -5.11
CA SER B 199 -18.77 -7.47 -4.83
C SER B 199 -18.11 -8.60 -4.04
N LEU B 200 -17.10 -9.23 -4.65
CA LEU B 200 -16.25 -10.19 -3.96
C LEU B 200 -14.98 -9.47 -3.55
N HIS B 201 -14.69 -9.46 -2.25
CA HIS B 201 -13.58 -8.64 -1.74
C HIS B 201 -13.05 -9.14 -0.40
N LYS B 202 -11.88 -8.66 -0.03
CA LYS B 202 -11.34 -8.94 1.29
C LYS B 202 -12.07 -8.11 2.33
N PHE B 203 -12.58 -8.79 3.36
CA PHE B 203 -13.28 -8.12 4.45
C PHE B 203 -12.64 -8.49 5.78
N SER B 204 -12.04 -7.50 6.42
CA SER B 204 -11.33 -7.70 7.67
C SER B 204 -11.16 -6.35 8.36
N PRO B 205 -11.34 -6.32 9.69
CA PRO B 205 -11.21 -5.08 10.46
C PRO B 205 -9.87 -4.41 10.24
N GLY B 206 -9.88 -3.21 9.65
CA GLY B 206 -8.67 -2.48 9.37
C GLY B 206 -8.32 -2.42 7.89
N PHE B 207 -8.99 -3.25 7.10
CA PHE B 207 -8.71 -3.31 5.67
C PHE B 207 -9.66 -2.40 4.86
N PHE B 208 -9.06 -1.57 4.01
CA PHE B 208 -9.79 -0.59 3.21
C PHE B 208 -10.83 -1.25 2.28
N PRO B 209 -12.03 -0.64 2.17
CA PRO B 209 -12.45 0.58 2.85
C PRO B 209 -13.20 0.29 4.16
N GLY B 210 -13.32 -0.99 4.52
CA GLY B 210 -13.94 -1.36 5.79
C GLY B 210 -15.38 -1.82 5.68
N THR B 211 -16.02 -1.51 4.56
CA THR B 211 -17.42 -1.88 4.36
C THR B 211 -17.57 -3.13 3.49
N GLY B 212 -18.80 -3.59 3.34
CA GLY B 212 -19.10 -4.69 2.44
C GLY B 212 -19.22 -6.05 3.10
N ASP B 213 -19.79 -6.10 4.29
CA ASP B 213 -20.07 -7.38 4.94
C ASP B 213 -21.25 -8.02 4.20
N VAL B 214 -21.46 -9.32 4.42
CA VAL B 214 -22.54 -10.02 3.76
C VAL B 214 -23.91 -9.47 4.19
N SER B 215 -23.95 -8.86 5.37
CA SER B 215 -25.17 -8.27 5.90
C SER B 215 -25.56 -6.98 5.17
N ASP B 216 -24.58 -6.33 4.53
CA ASP B 216 -24.85 -5.14 3.74
C ASP B 216 -25.59 -5.52 2.45
N VAL B 217 -26.86 -5.14 2.35
CA VAL B 217 -27.71 -5.59 1.25
C VAL B 217 -28.37 -4.46 0.49
N GLY B 218 -28.18 -3.22 0.94
CA GLY B 218 -28.81 -2.09 0.31
C GLY B 218 -29.87 -1.47 1.20
N LEU B 219 -30.47 -0.37 0.74
CA LEU B 219 -31.43 0.36 1.56
C LEU B 219 -32.71 0.70 0.79
N GLY B 220 -33.84 0.63 1.48
CA GLY B 220 -35.11 1.02 0.91
C GLY B 220 -35.58 0.17 -0.27
N LYS B 221 -35.89 0.83 -1.37
CA LYS B 221 -36.32 0.16 -2.58
C LYS B 221 -35.26 -0.82 -3.08
N GLY B 222 -34.00 -0.45 -2.91
CA GLY B 222 -32.89 -1.27 -3.36
C GLY B 222 -32.41 -2.28 -2.34
N ARG B 223 -33.24 -2.56 -1.34
CA ARG B 223 -32.89 -3.55 -0.34
C ARG B 223 -32.78 -4.93 -0.98
N TYR B 224 -31.73 -5.66 -0.59
CA TYR B 224 -31.40 -6.97 -1.17
C TYR B 224 -30.89 -6.88 -2.61
N TYR B 225 -30.71 -5.66 -3.10
CA TYR B 225 -30.17 -5.46 -4.45
C TYR B 225 -28.70 -5.07 -4.39
N SER B 226 -28.07 -5.35 -3.26
CA SER B 226 -26.62 -5.23 -3.12
C SER B 226 -26.09 -6.51 -2.49
N VAL B 227 -25.25 -7.23 -3.22
CA VAL B 227 -24.68 -8.46 -2.72
C VAL B 227 -23.21 -8.29 -2.39
N ASN B 228 -22.82 -8.73 -1.19
CA ASN B 228 -21.42 -8.68 -0.78
C ASN B 228 -20.89 -10.05 -0.35
N VAL B 229 -19.70 -10.39 -0.82
CA VAL B 229 -19.08 -11.67 -0.50
C VAL B 229 -17.74 -11.46 0.20
N PRO B 230 -17.75 -11.36 1.54
CA PRO B 230 -16.53 -11.21 2.33
C PRO B 230 -15.62 -12.43 2.22
N ILE B 231 -14.34 -12.21 1.96
CA ILE B 231 -13.37 -13.28 1.75
C ILE B 231 -12.09 -12.98 2.53
N GLN B 232 -11.39 -14.02 3.00
CA GLN B 232 -10.16 -13.85 3.76
C GLN B 232 -8.90 -14.09 2.93
N ASP B 233 -7.74 -13.83 3.53
CA ASP B 233 -6.45 -13.95 2.85
C ASP B 233 -6.16 -15.36 2.35
N GLY B 234 -5.40 -15.44 1.25
CA GLY B 234 -4.83 -16.70 0.82
C GLY B 234 -5.69 -17.57 -0.07
N ILE B 235 -6.85 -17.08 -0.48
CA ILE B 235 -7.73 -17.84 -1.36
C ILE B 235 -7.10 -18.04 -2.73
N GLN B 236 -7.29 -19.22 -3.31
CA GLN B 236 -6.73 -19.53 -4.62
C GLN B 236 -7.81 -19.81 -5.66
N ASP B 237 -7.39 -20.15 -6.87
CA ASP B 237 -8.28 -20.24 -8.03
C ASP B 237 -9.53 -21.10 -7.85
N GLU B 238 -9.34 -22.33 -7.37
CA GLU B 238 -10.44 -23.28 -7.26
C GLU B 238 -11.56 -22.80 -6.35
N LYS B 239 -11.23 -22.52 -5.09
CA LYS B 239 -12.23 -22.06 -4.13
C LYS B 239 -12.87 -20.74 -4.54
N TYR B 240 -12.07 -19.84 -5.11
CA TYR B 240 -12.59 -18.54 -5.54
C TYR B 240 -13.63 -18.71 -6.63
N TYR B 241 -13.30 -19.49 -7.66
CA TYR B 241 -14.21 -19.68 -8.77
C TYR B 241 -15.51 -20.36 -8.33
N GLN B 242 -15.39 -21.42 -7.55
CA GLN B 242 -16.55 -22.15 -7.05
C GLN B 242 -17.46 -21.23 -6.24
N ASN B 243 -16.85 -20.37 -5.43
CA ASN B 243 -17.59 -19.40 -4.64
C ASN B 243 -18.24 -18.35 -5.53
N CYS B 244 -17.48 -17.86 -6.50
CA CYS B 244 -17.96 -16.83 -7.42
C CYS B 244 -19.06 -17.37 -8.33
N GLU B 245 -18.89 -18.59 -8.82
CA GLU B 245 -19.87 -19.21 -9.70
C GLU B 245 -21.20 -19.41 -8.98
N SER B 246 -21.14 -19.87 -7.75
CA SER B 246 -22.34 -20.14 -6.96
C SER B 246 -23.16 -18.88 -6.71
N VAL B 247 -22.48 -17.78 -6.44
CA VAL B 247 -23.15 -16.50 -6.22
C VAL B 247 -23.76 -15.97 -7.52
N LEU B 248 -22.98 -15.98 -8.59
CA LEU B 248 -23.42 -15.48 -9.88
C LEU B 248 -24.56 -16.31 -10.46
N LYS B 249 -24.60 -17.59 -10.11
CA LYS B 249 -25.66 -18.47 -10.57
C LYS B 249 -26.99 -18.08 -9.92
N GLU B 250 -26.96 -17.90 -8.61
CA GLU B 250 -28.14 -17.46 -7.87
C GLU B 250 -28.53 -16.04 -8.26
N VAL B 251 -27.53 -15.24 -8.59
CA VAL B 251 -27.74 -13.86 -8.99
C VAL B 251 -28.41 -13.76 -10.37
N TYR B 252 -27.98 -14.61 -11.29
CA TYR B 252 -28.51 -14.58 -12.65
C TYR B 252 -29.97 -15.01 -12.70
N GLN B 253 -30.33 -15.98 -11.85
CA GLN B 253 -31.71 -16.49 -11.81
C GLN B 253 -32.64 -15.46 -11.19
N ALA B 254 -32.19 -14.85 -10.10
CA ALA B 254 -33.02 -13.92 -9.34
C ALA B 254 -33.20 -12.57 -10.04
N PHE B 255 -32.11 -12.03 -10.55
CA PHE B 255 -32.12 -10.67 -11.11
C PHE B 255 -32.39 -10.65 -12.61
N ASN B 256 -31.94 -11.68 -13.31
CA ASN B 256 -32.07 -11.76 -14.77
C ASN B 256 -31.58 -10.49 -15.47
N PRO B 257 -30.27 -10.22 -15.42
CA PRO B 257 -29.72 -8.96 -15.93
C PRO B 257 -29.77 -8.88 -17.45
N LYS B 258 -29.82 -7.67 -17.97
CA LYS B 258 -29.82 -7.44 -19.41
C LYS B 258 -28.47 -6.91 -19.87
N ALA B 259 -27.71 -6.37 -18.92
CA ALA B 259 -26.37 -5.86 -19.20
C ALA B 259 -25.47 -6.07 -17.99
N VAL B 260 -24.17 -6.25 -18.24
CA VAL B 260 -23.22 -6.51 -17.18
C VAL B 260 -22.02 -5.56 -17.23
N VAL B 261 -21.67 -4.98 -16.08
CA VAL B 261 -20.44 -4.23 -15.95
C VAL B 261 -19.51 -4.99 -15.01
N LEU B 262 -18.36 -5.40 -15.54
CA LEU B 262 -17.45 -6.28 -14.81
C LEU B 262 -16.12 -5.61 -14.48
N GLN B 263 -15.90 -5.36 -13.19
CA GLN B 263 -14.65 -4.78 -12.71
C GLN B 263 -13.69 -5.91 -12.35
N LEU B 264 -12.48 -5.87 -12.92
CA LEU B 264 -11.54 -6.97 -12.76
C LEU B 264 -10.19 -6.53 -12.21
N GLY B 265 -10.20 -5.83 -11.07
CA GLY B 265 -8.99 -5.40 -10.41
C GLY B 265 -8.02 -6.55 -10.18
N ALA B 266 -6.74 -6.31 -10.44
CA ALA B 266 -5.75 -7.38 -10.39
C ALA B 266 -4.92 -7.38 -9.12
N ASP B 267 -5.39 -6.69 -8.08
CA ASP B 267 -4.71 -6.72 -6.79
C ASP B 267 -5.08 -7.97 -5.99
N THR B 268 -5.79 -8.89 -6.64
CA THR B 268 -6.10 -10.19 -6.06
C THR B 268 -5.04 -11.21 -6.46
N ILE B 269 -4.25 -10.87 -7.47
CA ILE B 269 -3.29 -11.80 -8.07
C ILE B 269 -2.04 -11.96 -7.20
N ALA B 270 -1.57 -13.20 -7.10
CA ALA B 270 -0.33 -13.52 -6.40
C ALA B 270 0.83 -12.67 -6.92
N GLY B 271 1.57 -12.08 -5.99
CA GLY B 271 2.69 -11.22 -6.34
C GLY B 271 2.40 -9.75 -6.15
N ASP B 272 1.15 -9.43 -5.84
CA ASP B 272 0.76 -8.05 -5.58
C ASP B 272 1.31 -7.64 -4.21
N PRO B 273 1.86 -6.42 -4.13
CA PRO B 273 2.43 -5.88 -2.88
C PRO B 273 1.45 -5.98 -1.71
N MET B 274 0.15 -5.89 -1.99
CA MET B 274 -0.86 -5.98 -0.96
C MET B 274 -0.94 -7.38 -0.33
N CYS B 275 -0.44 -8.37 -1.06
CA CYS B 275 -0.18 -9.70 -0.52
C CYS B 275 -1.35 -10.29 0.28
N SER B 276 -2.55 -10.17 -0.25
CA SER B 276 -3.74 -10.66 0.44
C SER B 276 -4.25 -11.96 -0.15
N PHE B 277 -4.92 -11.87 -1.30
CA PHE B 277 -5.36 -13.08 -1.99
C PHE B 277 -4.18 -13.75 -2.68
N ASN B 278 -4.41 -14.94 -3.22
CA ASN B 278 -3.35 -15.72 -3.86
C ASN B 278 -3.85 -16.30 -5.17
N MET B 279 -4.35 -15.44 -6.04
CA MET B 279 -4.98 -15.85 -7.30
C MET B 279 -4.03 -15.83 -8.48
N THR B 280 -4.44 -16.50 -9.55
CA THR B 280 -3.76 -16.42 -10.84
C THR B 280 -4.79 -15.91 -11.85
N PRO B 281 -4.33 -15.34 -12.97
CA PRO B 281 -5.26 -14.86 -13.99
C PRO B 281 -6.16 -15.97 -14.55
N VAL B 282 -5.71 -17.22 -14.44
CA VAL B 282 -6.51 -18.36 -14.89
C VAL B 282 -7.82 -18.47 -14.10
N GLY B 283 -7.72 -18.29 -12.78
CA GLY B 283 -8.87 -18.37 -11.91
C GLY B 283 -9.88 -17.27 -12.14
N ILE B 284 -9.39 -16.05 -12.35
CA ILE B 284 -10.25 -14.92 -12.66
C ILE B 284 -10.89 -15.12 -14.03
N GLY B 285 -10.13 -15.72 -14.93
CA GLY B 285 -10.59 -16.00 -16.28
C GLY B 285 -11.80 -16.91 -16.33
N LYS B 286 -11.88 -17.85 -15.40
CA LYS B 286 -13.01 -18.76 -15.33
C LYS B 286 -14.28 -18.04 -14.87
N CYS B 287 -14.11 -17.06 -14.01
CA CYS B 287 -15.22 -16.21 -13.60
C CYS B 287 -15.69 -15.41 -14.81
N LEU B 288 -14.72 -14.90 -15.56
CA LEU B 288 -15.00 -14.13 -16.77
C LEU B 288 -15.74 -14.96 -17.81
N LYS B 289 -15.29 -16.19 -18.00
CA LYS B 289 -15.91 -17.10 -18.96
C LYS B 289 -17.37 -17.38 -18.59
N TYR B 290 -17.62 -17.58 -17.30
CA TYR B 290 -18.96 -17.87 -16.81
C TYR B 290 -19.90 -16.69 -17.07
N ILE B 291 -19.38 -15.49 -16.98
CA ILE B 291 -20.16 -14.29 -17.23
C ILE B 291 -20.37 -14.09 -18.73
N LEU B 292 -19.34 -14.39 -19.51
CA LEU B 292 -19.37 -14.21 -20.96
C LEU B 292 -20.38 -15.13 -21.65
N GLN B 293 -20.57 -16.32 -21.10
CA GLN B 293 -21.48 -17.29 -21.71
C GLN B 293 -22.94 -16.94 -21.51
N TRP B 294 -23.19 -15.90 -20.71
CA TRP B 294 -24.53 -15.33 -20.59
C TRP B 294 -24.88 -14.62 -21.90
N GLN B 295 -23.85 -14.24 -22.64
CA GLN B 295 -23.98 -13.59 -23.93
C GLN B 295 -24.77 -12.27 -23.83
N LEU B 296 -24.51 -11.53 -22.77
CA LEU B 296 -25.13 -10.22 -22.58
C LEU B 296 -24.13 -9.13 -22.93
N ALA B 297 -24.62 -7.90 -23.08
CA ALA B 297 -23.74 -6.75 -23.27
C ALA B 297 -22.86 -6.59 -22.04
N THR B 298 -21.55 -6.67 -22.24
CA THR B 298 -20.62 -6.68 -21.12
C THR B 298 -19.55 -5.58 -21.21
N LEU B 299 -19.49 -4.74 -20.19
CA LEU B 299 -18.49 -3.69 -20.10
C LEU B 299 -17.35 -4.15 -19.18
N ILE B 300 -16.18 -4.36 -19.75
CA ILE B 300 -15.02 -4.85 -19.01
C ILE B 300 -14.15 -3.70 -18.50
N LEU B 301 -13.86 -3.70 -17.21
CA LEU B 301 -13.04 -2.65 -16.60
C LEU B 301 -11.89 -3.22 -15.79
N GLY B 302 -10.84 -2.42 -15.63
CA GLY B 302 -9.72 -2.80 -14.79
C GLY B 302 -9.92 -2.34 -13.37
N GLY B 303 -8.87 -1.80 -12.75
CA GLY B 303 -8.96 -1.28 -11.40
C GLY B 303 -7.63 -1.35 -10.67
N GLY B 304 -7.64 -1.97 -9.49
CA GLY B 304 -6.43 -2.15 -8.72
C GLY B 304 -5.44 -3.08 -9.41
N GLY B 305 -4.22 -3.13 -8.90
CA GLY B 305 -3.17 -3.95 -9.48
C GLY B 305 -1.85 -3.23 -9.38
N TYR B 306 -1.03 -3.64 -8.42
CA TYR B 306 0.15 -2.86 -8.03
C TYR B 306 1.46 -3.61 -8.23
N ASN B 307 1.36 -4.85 -8.69
CA ASN B 307 2.47 -5.50 -9.37
C ASN B 307 2.22 -5.25 -10.85
N LEU B 308 2.89 -4.25 -11.39
CA LEU B 308 2.54 -3.73 -12.72
C LEU B 308 2.66 -4.77 -13.82
N ALA B 309 3.72 -5.57 -13.78
CA ALA B 309 3.93 -6.61 -14.78
C ALA B 309 2.87 -7.70 -14.67
N ASN B 310 2.56 -8.11 -13.43
CA ASN B 310 1.51 -9.10 -13.18
C ASN B 310 0.12 -8.63 -13.62
N THR B 311 -0.12 -7.33 -13.46
CA THR B 311 -1.40 -6.75 -13.88
C THR B 311 -1.52 -6.78 -15.39
N ALA B 312 -0.41 -6.51 -16.07
CA ALA B 312 -0.37 -6.61 -17.52
C ALA B 312 -0.52 -8.07 -17.94
N ARG B 313 0.11 -8.97 -17.18
CA ARG B 313 -0.02 -10.40 -17.42
C ARG B 313 -1.47 -10.84 -17.34
N CYS B 314 -2.15 -10.40 -16.29
CA CYS B 314 -3.53 -10.79 -16.04
C CYS B 314 -4.47 -10.29 -17.12
N TRP B 315 -4.46 -8.98 -17.35
CA TRP B 315 -5.41 -8.36 -18.27
C TRP B 315 -5.13 -8.73 -19.73
N THR B 316 -3.88 -9.06 -20.06
CA THR B 316 -3.55 -9.54 -21.39
C THR B 316 -4.13 -10.95 -21.57
N TYR B 317 -4.00 -11.77 -20.53
CA TYR B 317 -4.58 -13.10 -20.54
C TYR B 317 -6.09 -13.05 -20.63
N LEU B 318 -6.69 -12.14 -19.86
CA LEU B 318 -8.14 -11.98 -19.86
C LEU B 318 -8.65 -11.50 -21.22
N THR B 319 -7.85 -10.67 -21.88
CA THR B 319 -8.18 -10.21 -23.22
C THR B 319 -8.12 -11.39 -24.20
N GLY B 320 -7.25 -12.35 -23.89
CA GLY B 320 -7.16 -13.57 -24.68
C GLY B 320 -8.37 -14.44 -24.47
N VAL B 321 -8.82 -14.55 -23.22
CA VAL B 321 -10.01 -15.31 -22.88
C VAL B 321 -11.24 -14.77 -23.60
N ILE B 322 -11.38 -13.45 -23.60
CA ILE B 322 -12.48 -12.77 -24.27
C ILE B 322 -12.49 -13.11 -25.76
N LEU B 323 -11.30 -13.14 -26.37
CA LEU B 323 -11.17 -13.44 -27.79
C LEU B 323 -11.22 -14.95 -28.06
N GLY B 324 -11.20 -15.74 -27.00
CA GLY B 324 -11.23 -17.18 -27.13
C GLY B 324 -9.96 -17.74 -27.75
N LYS B 325 -8.84 -17.10 -27.46
CA LYS B 325 -7.55 -17.51 -27.99
C LYS B 325 -6.63 -18.05 -26.90
N THR B 326 -5.74 -18.96 -27.28
CA THR B 326 -4.71 -19.43 -26.37
C THR B 326 -3.41 -18.68 -26.63
N LEU B 327 -2.80 -18.15 -25.59
CA LEU B 327 -1.62 -17.32 -25.73
C LEU B 327 -0.33 -18.09 -25.46
N SER B 328 0.73 -17.72 -26.16
CA SER B 328 2.05 -18.30 -25.91
C SER B 328 2.51 -17.98 -24.49
N SER B 329 3.11 -18.96 -23.82
CA SER B 329 3.60 -18.78 -22.46
C SER B 329 4.73 -17.76 -22.41
N GLU B 330 5.53 -17.71 -23.47
CA GLU B 330 6.68 -16.82 -23.52
C GLU B 330 6.25 -15.37 -23.69
N ILE B 331 6.72 -14.50 -22.82
CA ILE B 331 6.47 -13.07 -22.96
C ILE B 331 7.21 -12.56 -24.18
N PRO B 332 6.45 -12.07 -25.18
CA PRO B 332 7.03 -11.59 -26.45
C PRO B 332 7.98 -10.42 -26.23
N ASP B 333 8.95 -10.29 -27.12
CA ASP B 333 9.93 -9.21 -27.03
C ASP B 333 9.27 -7.87 -27.34
N HIS B 334 9.09 -7.05 -26.31
CA HIS B 334 8.51 -5.73 -26.48
C HIS B 334 9.23 -4.69 -25.62
N GLU B 335 8.65 -3.50 -25.52
CA GLU B 335 9.25 -2.38 -24.82
C GLU B 335 9.58 -2.68 -23.35
N PHE B 336 8.68 -3.39 -22.68
CA PHE B 336 8.82 -3.63 -21.24
C PHE B 336 9.19 -5.07 -20.90
N PHE B 337 9.84 -5.77 -21.83
CA PHE B 337 10.22 -7.16 -21.63
C PHE B 337 11.08 -7.36 -20.39
N THR B 338 11.92 -6.38 -20.09
CA THR B 338 12.84 -6.46 -18.95
C THR B 338 12.13 -6.48 -17.60
N ALA B 339 10.85 -6.09 -17.58
CA ALA B 339 10.10 -6.00 -16.34
C ALA B 339 9.47 -7.34 -15.95
N TYR B 340 9.65 -8.36 -16.78
CA TYR B 340 8.96 -9.62 -16.58
C TYR B 340 9.79 -10.73 -15.95
N GLY B 341 10.82 -10.35 -15.20
CA GLY B 341 11.59 -11.30 -14.43
C GLY B 341 10.74 -12.00 -13.38
N PRO B 342 11.23 -13.12 -12.84
CA PRO B 342 12.54 -13.69 -13.17
C PRO B 342 12.47 -14.78 -14.23
N ASP B 343 11.26 -15.18 -14.63
CA ASP B 343 11.11 -16.29 -15.56
C ASP B 343 10.55 -15.88 -16.92
N TYR B 344 10.02 -14.67 -17.00
CA TYR B 344 9.63 -14.07 -18.27
C TYR B 344 8.56 -14.87 -19.04
N VAL B 345 7.64 -15.47 -18.29
CA VAL B 345 6.51 -16.17 -18.89
C VAL B 345 5.21 -15.48 -18.50
N LEU B 346 4.11 -15.88 -19.14
CA LEU B 346 2.81 -15.27 -18.90
C LEU B 346 2.16 -15.78 -17.62
N GLU B 347 2.45 -17.03 -17.28
CA GLU B 347 1.84 -17.68 -16.12
C GLU B 347 2.37 -17.11 -14.80
N ILE B 348 1.48 -17.03 -13.81
CA ILE B 348 1.84 -16.56 -12.48
C ILE B 348 1.70 -17.69 -11.47
N THR B 349 2.75 -17.91 -10.69
CA THR B 349 2.77 -18.98 -9.69
C THR B 349 2.26 -18.46 -8.34
N PRO B 350 1.27 -19.16 -7.76
CA PRO B 350 0.74 -18.81 -6.45
C PRO B 350 1.81 -18.84 -5.37
N SER B 351 1.75 -17.91 -4.42
CA SER B 351 2.70 -17.87 -3.32
C SER B 351 2.41 -19.02 -2.35
N CYS B 352 3.42 -19.40 -1.58
CA CYS B 352 3.24 -20.46 -0.58
CA CYS B 352 3.25 -20.45 -0.59
C CYS B 352 2.71 -19.87 0.71
N ARG B 353 1.45 -19.44 0.69
CA ARG B 353 0.79 -18.86 1.85
C ARG B 353 -0.45 -19.65 2.21
N PRO B 354 -0.81 -19.67 3.50
CA PRO B 354 -2.00 -20.38 3.97
C PRO B 354 -3.31 -19.75 3.50
N ASP B 355 -4.28 -20.60 3.17
CA ASP B 355 -5.62 -20.14 2.85
C ASP B 355 -6.43 -20.01 4.13
N ARG B 356 -6.82 -18.78 4.47
CA ARG B 356 -7.50 -18.51 5.73
C ARG B 356 -9.02 -18.65 5.62
N ASN B 357 -9.49 -19.21 4.51
CA ASN B 357 -10.93 -19.33 4.28
C ASN B 357 -11.53 -20.63 4.77
N GLU B 358 -12.25 -20.55 5.88
CA GLU B 358 -12.98 -21.70 6.41
C GLU B 358 -14.18 -21.99 5.51
N PRO B 359 -14.22 -23.19 4.92
CA PRO B 359 -15.26 -23.57 3.95
C PRO B 359 -16.68 -23.44 4.50
N HIS B 360 -16.87 -23.65 5.80
CA HIS B 360 -18.18 -23.51 6.41
C HIS B 360 -18.57 -22.04 6.56
N ARG B 361 -17.58 -21.18 6.79
CA ARG B 361 -17.81 -19.75 6.83
C ARG B 361 -18.24 -19.28 5.45
N ILE B 362 -17.60 -19.83 4.41
CA ILE B 362 -17.94 -19.52 3.03
C ILE B 362 -19.35 -19.98 2.70
N GLN B 363 -19.68 -21.20 3.11
CA GLN B 363 -21.00 -21.76 2.83
C GLN B 363 -22.09 -21.00 3.56
N GLN B 364 -21.78 -20.56 4.78
CA GLN B 364 -22.72 -19.77 5.56
C GLN B 364 -23.03 -18.46 4.85
N ILE B 365 -21.98 -17.80 4.37
CA ILE B 365 -22.12 -16.56 3.61
C ILE B 365 -22.98 -16.77 2.37
N LEU B 366 -22.73 -17.86 1.67
CA LEU B 366 -23.51 -18.23 0.49
C LEU B 366 -24.98 -18.37 0.86
N ASN B 367 -25.26 -19.06 1.96
CA ASN B 367 -26.62 -19.26 2.42
C ASN B 367 -27.30 -17.94 2.77
N TYR B 368 -26.55 -17.02 3.37
CA TYR B 368 -27.06 -15.70 3.69
CA TYR B 368 -27.06 -15.69 3.69
C TYR B 368 -27.49 -14.98 2.42
N ILE B 369 -26.69 -15.16 1.36
CA ILE B 369 -26.96 -14.53 0.07
C ILE B 369 -28.17 -15.14 -0.63
N LYS B 370 -28.28 -16.46 -0.57
CA LYS B 370 -29.43 -17.15 -1.14
C LYS B 370 -30.73 -16.69 -0.48
N GLY B 371 -30.67 -16.44 0.82
CA GLY B 371 -31.81 -15.96 1.56
C GLY B 371 -32.19 -14.54 1.14
N ASN B 372 -31.20 -13.69 0.99
CA ASN B 372 -31.42 -12.32 0.53
C ASN B 372 -31.97 -12.29 -0.89
N LEU B 373 -31.48 -13.20 -1.72
CA LEU B 373 -31.87 -13.24 -3.14
C LEU B 373 -33.29 -13.78 -3.35
N LYS B 374 -33.90 -14.31 -2.29
CA LYS B 374 -35.27 -14.78 -2.37
C LYS B 374 -36.23 -13.62 -2.58
N HIS B 375 -35.88 -12.47 -2.00
CA HIS B 375 -36.75 -11.29 -2.02
C HIS B 375 -36.75 -10.57 -3.36
N VAL B 376 -35.67 -10.70 -4.12
CA VAL B 376 -35.48 -9.87 -5.31
C VAL B 376 -36.29 -10.31 -6.54
N VAL B 377 -36.71 -11.56 -6.56
CA VAL B 377 -37.35 -12.16 -7.74
C VAL B 377 -38.87 -11.99 -7.77
N ILE B 378 -39.39 -11.13 -8.65
CA ILE B 378 -38.57 -10.25 -9.48
C ILE B 378 -38.87 -8.79 -9.17
K K C . 11.73 -4.54 11.10
K K D . 26.55 -7.53 11.13
ZN ZN E . 7.78 -0.63 6.72
O1 SHH F . 9.80 -0.25 5.96
O2 SHH F . 7.46 0.76 5.11
N1 SHH F . 9.50 -0.01 4.62
C1 SHH F . 8.32 0.49 4.28
C2 SHH F . 8.06 0.72 2.81
C3 SHH F . 8.35 -0.54 2.02
C4 SHH F . 8.00 -0.33 0.55
C5 SHH F . 6.54 -0.67 0.29
C6 SHH F . 6.39 -2.16 0.02
C7 SHH F . 5.79 -2.41 -1.36
C8 SHH F . 4.35 -1.96 -1.36
O3 SHH F . 3.64 -2.24 -0.41
N2 SHH F . 3.95 -1.29 -2.46
C9 SHH F . 2.67 -0.78 -2.73
C10 SHH F . 1.57 -1.00 -1.89
C11 SHH F . 0.33 -0.47 -2.22
C12 SHH F . 0.17 0.29 -3.36
C13 SHH F . 1.26 0.51 -4.20
C14 SHH F . 2.50 -0.02 -3.88
K K G . -14.47 -6.34 -5.18
K K H . -28.73 -1.73 -5.86
ZN ZN I . -8.33 -2.75 -5.16
O1 SHH J . -9.86 -1.34 -5.27
O2 SHH J . -7.19 -0.91 -5.40
N1 SHH J . -9.23 -0.20 -4.80
C1 SHH J . -7.91 -0.06 -4.90
C2 SHH J . -7.33 1.22 -4.36
C3 SHH J . -7.02 1.07 -2.88
C4 SHH J . -6.69 2.43 -2.29
C5 SHH J . -5.66 2.35 -1.17
C6 SHH J . -6.22 1.68 0.07
C7 SHH J . -5.41 2.06 1.30
C8 SHH J . -3.97 1.60 1.14
O3 SHH J . -3.76 0.42 0.92
N2 SHH J . -3.06 2.56 1.28
C9 SHH J . -1.65 2.41 1.20
C10 SHH J . -1.02 1.20 0.92
C11 SHH J . 0.36 1.12 0.85
C12 SHH J . 1.14 2.25 1.07
C13 SHH J . 0.51 3.47 1.35
C14 SHH J . -0.87 3.55 1.42
C1 GOL K . 5.05 -13.42 -7.84
O1 GOL K . 4.61 -13.03 -9.12
C2 GOL K . 4.10 -14.48 -7.28
O2 GOL K . 3.66 -15.31 -8.34
C3 GOL K . 4.82 -15.33 -6.24
O3 GOL K . 4.96 -14.59 -5.05
C1 GOL L . -28.92 7.14 -9.32
O1 GOL L . -29.06 6.07 -10.23
C2 GOL L . -27.68 7.93 -9.67
O2 GOL L . -27.95 9.31 -9.57
C3 GOL L . -26.56 7.57 -8.70
O3 GOL L . -26.91 8.00 -7.40
#